data_1NQV
#
_entry.id   1NQV
#
_cell.length_a   180.118
_cell.length_b   180.118
_cell.length_c   180.118
_cell.angle_alpha   90.00
_cell.angle_beta   90.00
_cell.angle_gamma   90.00
#
_symmetry.space_group_name_H-M   'I 2 3'
#
loop_
_entity.id
_entity.type
_entity.pdbx_description
1 polymer '6,7-dimethyl-8-ribityllumazine synthase'
2 non-polymer 'PHOSPHATE ION'
3 non-polymer 5-NITROSO-6-RIBITYL-AMINO-2,4(1H,3H)-PYRIMIDINEDIONE
4 water water
#
_entity_poly.entity_id   1
_entity_poly.type   'polypeptide(L)'
_entity_poly.pdbx_seq_one_letter_code
;MQIYEGKLTAEGLRFGIVASRFNHALVDRLVEGAIDCIVRHGGREEDITLVRVPGSWEIPVAAGELARKEDIDAVIAIGV
LIRGATPHFDYIASEVSKGLANLSLELRKPITFGVITADTLEQAIERAGTKHGNKGWEAALSAIEMANLFKSLR
;
_entity_poly.pdbx_strand_id   A,B,C,D,E
#
loop_
_chem_comp.id
_chem_comp.type
_chem_comp.name
_chem_comp.formula
LMZ non-polymer 5-NITROSO-6-RIBITYL-AMINO-2,4(1H,3H)-PYRIMIDINEDIONE 'C9 H14 N4 O7'
PO4 non-polymer 'PHOSPHATE ION' 'O4 P -3'
#
# COMPACT_ATOMS: atom_id res chain seq x y z
N MET A 1 -18.65 -29.17 -12.45
CA MET A 1 -18.05 -28.05 -11.77
C MET A 1 -18.09 -28.18 -10.25
N GLN A 2 -17.01 -27.89 -9.55
CA GLN A 2 -17.06 -27.84 -8.08
C GLN A 2 -17.54 -26.43 -7.64
N ILE A 3 -18.54 -26.39 -6.75
CA ILE A 3 -19.10 -25.13 -6.29
C ILE A 3 -19.04 -25.09 -4.78
N TYR A 4 -18.49 -24.01 -4.26
CA TYR A 4 -18.41 -23.78 -2.84
C TYR A 4 -19.17 -22.53 -2.52
N GLU A 5 -20.01 -22.62 -1.50
CA GLU A 5 -20.70 -21.45 -1.01
C GLU A 5 -21.03 -21.58 0.48
N GLY A 6 -21.35 -20.46 1.12
CA GLY A 6 -21.75 -20.47 2.50
C GLY A 6 -23.24 -20.22 2.62
N LYS A 7 -23.88 -21.02 3.46
CA LYS A 7 -25.25 -20.79 3.81
C LYS A 7 -25.32 -19.67 4.85
N LEU A 8 -26.55 -19.27 5.19
CA LEU A 8 -26.77 -18.16 6.10
C LEU A 8 -27.30 -18.53 7.50
N THR A 9 -27.29 -19.81 7.86
CA THR A 9 -27.61 -20.23 9.22
C THR A 9 -26.34 -20.23 10.01
N ALA A 10 -26.42 -19.69 11.22
CA ALA A 10 -25.22 -19.45 12.01
C ALA A 10 -25.04 -20.37 13.21
N GLU A 11 -25.78 -21.46 13.22
CA GLU A 11 -25.66 -22.43 14.31
C GLU A 11 -24.19 -22.82 14.55
N GLY A 12 -23.76 -22.71 15.78
CA GLY A 12 -22.39 -23.10 16.13
C GLY A 12 -21.29 -22.12 15.76
N LEU A 13 -21.60 -21.04 15.05
CA LEU A 13 -20.54 -20.14 14.59
C LEU A 13 -20.16 -19.17 15.69
N ARG A 14 -18.91 -18.75 15.74
CA ARG A 14 -18.43 -17.91 16.80
C ARG A 14 -17.83 -16.65 16.17
N PHE A 15 -18.30 -15.48 16.58
CA PHE A 15 -17.85 -14.24 15.94
C PHE A 15 -17.12 -13.28 16.86
N GLY A 16 -16.12 -12.61 16.29
CA GLY A 16 -15.50 -11.46 16.92
C GLY A 16 -16.05 -10.20 16.29
N ILE A 17 -16.45 -9.21 17.11
CA ILE A 17 -16.85 -7.89 16.63
C ILE A 17 -15.92 -6.89 17.22
N VAL A 18 -15.30 -6.05 16.40
CA VAL A 18 -14.48 -4.95 16.94
C VAL A 18 -15.18 -3.65 16.59
N ALA A 19 -15.58 -2.89 17.61
CA ALA A 19 -16.36 -1.69 17.40
C ALA A 19 -15.71 -0.48 18.05
N SER A 20 -15.59 0.58 17.28
CA SER A 20 -14.95 1.80 17.77
C SER A 20 -15.99 2.68 18.49
N ARG A 21 -15.51 3.57 19.36
CA ARG A 21 -16.36 4.44 20.15
C ARG A 21 -16.57 5.82 19.49
N PHE A 22 -15.67 6.23 18.61
CA PHE A 22 -15.87 7.52 17.95
C PHE A 22 -17.19 7.42 17.20
N ASN A 23 -17.99 8.45 17.27
CA ASN A 23 -19.33 8.46 16.67
C ASN A 23 -20.21 7.33 17.18
N HIS A 24 -20.12 7.08 18.49
CA HIS A 24 -20.83 5.96 19.10
C HIS A 24 -22.34 6.00 18.91
N ALA A 25 -22.92 7.17 18.75
CA ALA A 25 -24.37 7.23 18.66
C ALA A 25 -24.78 6.50 17.41
N LEU A 26 -23.90 6.43 16.42
CA LEU A 26 -24.16 5.66 15.21
C LEU A 26 -23.57 4.27 15.30
N VAL A 27 -22.32 4.15 15.74
CA VAL A 27 -21.70 2.85 15.89
C VAL A 27 -22.56 1.91 16.74
N ASP A 28 -23.13 2.42 17.82
CA ASP A 28 -23.98 1.61 18.66
C ASP A 28 -25.15 0.98 17.93
N ARG A 29 -25.68 1.66 16.91
CA ARG A 29 -26.78 1.09 16.09
C ARG A 29 -26.21 -0.03 15.20
N LEU A 30 -24.99 0.14 14.69
CA LEU A 30 -24.33 -0.90 13.90
C LEU A 30 -24.07 -2.15 14.73
N VAL A 31 -23.66 -2.00 15.98
CA VAL A 31 -23.44 -3.13 16.85
C VAL A 31 -24.74 -3.86 17.12
N GLU A 32 -25.82 -3.12 17.40
CA GLU A 32 -27.16 -3.73 17.55
C GLU A 32 -27.52 -4.58 16.34
N GLY A 33 -27.30 -4.03 15.15
CA GLY A 33 -27.64 -4.77 13.94
C GLY A 33 -26.85 -6.03 13.76
N ALA A 34 -25.55 -5.94 14.02
CA ALA A 34 -24.68 -7.07 13.84
C ALA A 34 -25.12 -8.18 14.81
N ILE A 35 -25.35 -7.82 16.06
CA ILE A 35 -25.72 -8.86 17.06
C ILE A 35 -27.08 -9.48 16.68
N ASP A 36 -28.03 -8.64 16.29
CA ASP A 36 -29.33 -9.12 15.90
C ASP A 36 -29.24 -10.09 14.70
N CYS A 37 -28.42 -9.73 13.71
CA CYS A 37 -28.27 -10.57 12.54
C CYS A 37 -27.75 -11.91 12.97
N ILE A 38 -26.74 -11.92 13.82
CA ILE A 38 -26.17 -13.19 14.25
C ILE A 38 -27.16 -14.05 14.98
N VAL A 39 -27.80 -13.47 15.97
CA VAL A 39 -28.70 -14.21 16.82
C VAL A 39 -29.90 -14.74 16.06
N ARG A 40 -30.52 -13.92 15.25
CA ARG A 40 -31.70 -14.42 14.58
C ARG A 40 -31.41 -15.34 13.39
N HIS A 41 -30.14 -15.42 13.00
CA HIS A 41 -29.72 -16.45 12.06
C HIS A 41 -29.31 -17.75 12.77
N GLY A 42 -29.50 -17.84 14.08
CA GLY A 42 -29.22 -19.06 14.84
C GLY A 42 -27.88 -19.08 15.61
N GLY A 43 -27.08 -18.02 15.52
CA GLY A 43 -25.84 -17.97 16.29
C GLY A 43 -26.17 -17.65 17.75
N ARG A 44 -25.36 -18.11 18.68
CA ARG A 44 -25.64 -17.77 20.08
C ARG A 44 -24.88 -16.50 20.42
N GLU A 45 -25.53 -15.70 21.24
CA GLU A 45 -24.92 -14.41 21.64
C GLU A 45 -23.71 -14.60 22.50
N GLU A 46 -23.72 -15.74 23.20
CA GLU A 46 -22.61 -16.14 24.05
C GLU A 46 -21.41 -16.42 23.20
N ASP A 47 -21.62 -16.70 21.92
CA ASP A 47 -20.54 -17.04 21.02
C ASP A 47 -19.99 -15.83 20.29
N ILE A 48 -20.42 -14.67 20.74
CA ILE A 48 -19.93 -13.42 20.24
C ILE A 48 -18.95 -12.81 21.19
N THR A 49 -17.80 -12.40 20.68
CA THR A 49 -16.85 -11.63 21.48
C THR A 49 -16.81 -10.20 20.94
N LEU A 50 -17.13 -9.24 21.79
CA LEU A 50 -17.14 -7.84 21.43
C LEU A 50 -15.94 -7.13 22.05
N VAL A 51 -15.14 -6.48 21.22
CA VAL A 51 -14.01 -5.70 21.66
C VAL A 51 -14.23 -4.25 21.28
N ARG A 52 -14.16 -3.35 22.27
CA ARG A 52 -14.33 -1.93 22.00
C ARG A 52 -12.98 -1.24 21.93
N VAL A 53 -12.86 -0.30 21.00
CA VAL A 53 -11.64 0.48 20.85
C VAL A 53 -12.01 1.96 20.66
N PRO A 54 -11.10 2.87 20.90
CA PRO A 54 -11.40 4.29 20.76
C PRO A 54 -11.91 4.75 19.38
N GLY A 55 -11.17 4.46 18.31
CA GLY A 55 -11.56 4.96 17.01
C GLY A 55 -11.26 3.97 15.91
N SER A 56 -11.68 4.29 14.72
CA SER A 56 -11.48 3.40 13.60
C SER A 56 -10.00 3.07 13.44
N TRP A 57 -9.12 4.03 13.74
CA TRP A 57 -7.67 3.81 13.64
C TRP A 57 -7.21 2.56 14.39
N GLU A 58 -7.82 2.34 15.55
CA GLU A 58 -7.47 1.25 16.45
C GLU A 58 -8.16 -0.09 16.15
N ILE A 59 -9.09 -0.12 15.21
CA ILE A 59 -9.80 -1.35 14.91
C ILE A 59 -8.87 -2.48 14.41
N PRO A 60 -7.96 -2.20 13.47
CA PRO A 60 -7.10 -3.26 12.93
C PRO A 60 -6.28 -4.02 13.99
N VAL A 61 -5.56 -3.32 14.86
CA VAL A 61 -4.74 -4.01 15.84
C VAL A 61 -5.56 -4.89 16.79
N ALA A 62 -6.77 -4.44 17.16
CA ALA A 62 -7.65 -5.29 17.96
C ALA A 62 -8.16 -6.47 17.13
N ALA A 63 -8.55 -6.22 15.87
CA ALA A 63 -9.05 -7.29 15.03
C ALA A 63 -8.00 -8.36 14.80
N GLY A 64 -6.75 -7.92 14.73
CA GLY A 64 -5.63 -8.82 14.58
C GLY A 64 -5.57 -9.81 15.75
N GLU A 65 -5.83 -9.34 16.97
CA GLU A 65 -5.79 -10.24 18.13
C GLU A 65 -6.98 -11.21 18.10
N LEU A 66 -8.15 -10.72 17.73
CA LEU A 66 -9.32 -11.59 17.69
C LEU A 66 -9.24 -12.62 16.60
N ALA A 67 -8.81 -12.20 15.42
CA ALA A 67 -8.73 -13.10 14.30
C ALA A 67 -7.70 -14.20 14.52
N ARG A 68 -6.72 -13.96 15.40
CA ARG A 68 -5.75 -15.02 15.70
C ARG A 68 -6.33 -16.10 16.63
N LYS A 69 -7.47 -15.86 17.26
CA LYS A 69 -8.04 -16.86 18.15
C LYS A 69 -8.60 -18.02 17.34
N GLU A 70 -8.21 -19.22 17.70
CA GLU A 70 -8.65 -20.43 17.01
C GLU A 70 -10.16 -20.67 17.16
N ASP A 71 -10.76 -20.19 18.25
CA ASP A 71 -12.18 -20.31 18.45
C ASP A 71 -13.00 -19.09 17.95
N ILE A 72 -12.42 -18.26 17.10
CA ILE A 72 -13.18 -17.22 16.41
C ILE A 72 -13.26 -17.59 14.93
N ASP A 73 -14.47 -17.71 14.38
CA ASP A 73 -14.62 -18.13 12.98
C ASP A 73 -14.51 -16.98 11.96
N ALA A 74 -14.90 -15.78 12.37
CA ALA A 74 -14.81 -14.60 11.53
C ALA A 74 -14.86 -13.36 12.42
N VAL A 75 -14.30 -12.28 11.91
CA VAL A 75 -14.31 -11.02 12.63
C VAL A 75 -15.09 -9.97 11.83
N ILE A 76 -15.90 -9.21 12.54
CA ILE A 76 -16.71 -8.17 11.95
C ILE A 76 -16.17 -6.81 12.47
N ALA A 77 -15.76 -5.96 11.55
CA ALA A 77 -15.24 -4.64 11.87
C ALA A 77 -16.31 -3.58 11.75
N ILE A 78 -16.56 -2.87 12.85
CA ILE A 78 -17.60 -1.90 12.91
C ILE A 78 -17.09 -0.54 13.38
N GLY A 79 -17.32 0.48 12.55
CA GLY A 79 -16.95 1.83 12.92
C GLY A 79 -17.62 2.88 12.06
N VAL A 80 -17.51 4.16 12.46
CA VAL A 80 -18.12 5.22 11.68
C VAL A 80 -17.15 6.38 11.52
N LEU A 81 -16.77 6.60 10.29
CA LEU A 81 -15.95 7.72 9.88
C LEU A 81 -16.80 8.72 9.10
N ILE A 82 -16.75 9.98 9.51
CA ILE A 82 -17.45 11.04 8.83
C ILE A 82 -16.40 12.11 8.49
N ARG A 83 -16.36 12.55 7.26
CA ARG A 83 -15.35 13.53 6.83
C ARG A 83 -15.43 14.82 7.65
N GLY A 84 -14.27 15.25 8.15
CA GLY A 84 -14.15 16.54 8.80
C GLY A 84 -13.66 17.55 7.77
N ALA A 85 -13.05 18.62 8.23
CA ALA A 85 -12.54 19.68 7.33
C ALA A 85 -11.20 19.31 6.68
N THR A 86 -10.41 18.43 7.33
CA THR A 86 -9.10 18.09 6.81
C THR A 86 -9.08 16.68 6.24
N PRO A 87 -8.00 16.30 5.60
CA PRO A 87 -7.84 14.93 5.09
C PRO A 87 -7.59 13.86 6.16
N HIS A 88 -7.72 14.22 7.43
CA HIS A 88 -7.60 13.28 8.51
C HIS A 88 -8.42 12.00 8.22
N PHE A 89 -9.66 12.21 7.80
CA PHE A 89 -10.59 11.16 7.39
C PHE A 89 -9.97 10.19 6.37
N ASP A 90 -9.35 10.75 5.33
CA ASP A 90 -8.74 9.96 4.28
C ASP A 90 -7.68 9.01 4.78
N TYR A 91 -6.77 9.51 5.61
CA TYR A 91 -5.65 8.68 6.08
C TYR A 91 -6.16 7.59 7.04
N ILE A 92 -7.14 7.91 7.87
CA ILE A 92 -7.65 6.89 8.77
C ILE A 92 -8.49 5.86 7.95
N ALA A 93 -9.40 6.31 7.09
CA ALA A 93 -10.19 5.41 6.27
C ALA A 93 -9.27 4.50 5.46
N SER A 94 -8.22 5.05 4.88
CA SER A 94 -7.30 4.25 4.06
C SER A 94 -6.60 3.17 4.87
N GLU A 95 -6.13 3.54 6.06
CA GLU A 95 -5.40 2.57 6.86
C GLU A 95 -6.28 1.57 7.56
N VAL A 96 -7.50 1.95 7.93
CA VAL A 96 -8.36 0.97 8.54
C VAL A 96 -8.72 -0.12 7.51
N SER A 97 -9.09 0.29 6.34
CA SER A 97 -9.50 -0.68 5.32
C SER A 97 -8.31 -1.52 4.89
N LYS A 98 -7.14 -0.92 4.74
CA LYS A 98 -5.97 -1.69 4.33
C LYS A 98 -5.55 -2.71 5.39
N GLY A 99 -5.57 -2.30 6.65
CA GLY A 99 -5.19 -3.18 7.73
C GLY A 99 -6.11 -4.38 7.86
N LEU A 100 -7.40 -4.13 7.86
CA LEU A 100 -8.34 -5.20 7.89
C LEU A 100 -8.17 -6.17 6.74
N ALA A 101 -8.00 -5.66 5.53
CA ALA A 101 -7.88 -6.55 4.38
C ALA A 101 -6.61 -7.37 4.47
N ASN A 102 -5.52 -6.72 4.85
CA ASN A 102 -4.21 -7.37 4.99
C ASN A 102 -4.28 -8.46 6.08
N LEU A 103 -4.91 -8.14 7.22
CA LEU A 103 -5.06 -9.15 8.26
C LEU A 103 -5.81 -10.37 7.78
N SER A 104 -6.87 -10.14 7.06
CA SER A 104 -7.66 -11.25 6.60
C SER A 104 -6.83 -12.24 5.75
N LEU A 105 -6.01 -11.70 4.87
CA LEU A 105 -5.18 -12.53 4.01
C LEU A 105 -4.05 -13.18 4.78
N GLU A 106 -3.44 -12.43 5.69
CA GLU A 106 -2.34 -12.97 6.44
C GLU A 106 -2.82 -14.09 7.34
N LEU A 107 -3.97 -13.93 7.97
CA LEU A 107 -4.47 -14.95 8.87
C LEU A 107 -5.37 -15.97 8.23
N ARG A 108 -5.62 -15.82 6.94
CA ARG A 108 -6.50 -16.71 6.21
C ARG A 108 -7.83 -16.91 6.95
N LYS A 109 -8.44 -15.81 7.33
CA LYS A 109 -9.71 -15.84 8.06
C LYS A 109 -10.56 -14.65 7.64
N PRO A 110 -11.85 -14.85 7.47
CA PRO A 110 -12.69 -13.74 7.01
C PRO A 110 -12.76 -12.62 8.02
N ILE A 111 -12.60 -11.41 7.52
CA ILE A 111 -12.80 -10.22 8.32
C ILE A 111 -13.67 -9.35 7.45
N THR A 112 -14.88 -9.04 7.94
CA THR A 112 -15.82 -8.29 7.16
C THR A 112 -15.83 -6.82 7.55
N PHE A 113 -16.38 -6.01 6.65
CA PHE A 113 -16.18 -4.59 6.66
C PHE A 113 -17.52 -3.88 6.88
N GLY A 114 -17.76 -3.50 8.13
CA GLY A 114 -18.93 -2.76 8.53
C GLY A 114 -18.54 -1.36 9.00
N VAL A 115 -17.54 -0.77 8.35
CA VAL A 115 -17.05 0.55 8.66
C VAL A 115 -17.69 1.52 7.68
N ILE A 116 -18.45 2.45 8.19
CA ILE A 116 -19.03 3.48 7.32
C ILE A 116 -17.94 4.53 7.05
N THR A 117 -17.80 4.97 5.80
CA THR A 117 -16.88 6.05 5.43
C THR A 117 -17.70 7.08 4.66
N ALA A 118 -18.27 8.02 5.42
CA ALA A 118 -19.25 8.95 4.91
C ALA A 118 -18.70 10.35 4.75
N ASP A 119 -19.11 11.02 3.67
CA ASP A 119 -18.73 12.41 3.49
C ASP A 119 -19.53 13.29 4.42
N THR A 120 -20.75 12.89 4.75
CA THR A 120 -21.61 13.70 5.60
C THR A 120 -22.24 12.89 6.75
N LEU A 121 -22.68 13.61 7.75
CA LEU A 121 -23.39 13.02 8.88
C LEU A 121 -24.68 12.37 8.39
N GLU A 122 -25.38 13.01 7.45
CA GLU A 122 -26.59 12.45 6.92
C GLU A 122 -26.35 11.11 6.31
N GLN A 123 -25.28 10.98 5.56
CA GLN A 123 -24.96 9.73 4.91
C GLN A 123 -24.66 8.65 5.97
N ALA A 124 -24.03 9.05 7.06
CA ALA A 124 -23.75 8.09 8.15
C ALA A 124 -25.04 7.58 8.79
N ILE A 125 -25.96 8.49 9.10
CA ILE A 125 -27.24 8.14 9.66
C ILE A 125 -28.01 7.18 8.74
N GLU A 126 -28.00 7.47 7.44
CA GLU A 126 -28.69 6.64 6.46
C GLU A 126 -28.24 5.19 6.54
N ARG A 127 -26.95 4.98 6.83
CA ARG A 127 -26.38 3.66 6.79
C ARG A 127 -26.26 2.97 8.13
N ALA A 128 -26.75 3.65 9.17
CA ALA A 128 -26.66 3.12 10.52
C ALA A 128 -28.05 2.82 11.10
N GLY A 129 -28.85 2.10 10.31
CA GLY A 129 -30.16 1.75 10.77
C GLY A 129 -31.29 2.59 10.24
N THR A 130 -31.07 3.38 9.17
CA THR A 130 -32.21 4.06 8.54
C THR A 130 -32.36 3.64 7.08
N LYS A 131 -32.54 4.62 6.20
CA LYS A 131 -33.01 4.31 4.86
C LYS A 131 -32.04 3.48 4.01
N HIS A 132 -30.76 3.55 4.29
CA HIS A 132 -29.81 2.75 3.55
C HIS A 132 -29.32 1.55 4.37
N GLY A 133 -30.17 1.09 5.27
CA GLY A 133 -29.87 -0.12 6.05
C GLY A 133 -28.94 0.07 7.23
N ASN A 134 -28.34 -1.04 7.64
CA ASN A 134 -27.49 -1.08 8.79
C ASN A 134 -26.26 -1.85 8.39
N LYS A 135 -25.13 -1.14 8.30
CA LYS A 135 -23.90 -1.76 7.81
C LYS A 135 -23.36 -2.82 8.78
N GLY A 136 -23.73 -2.74 10.06
CA GLY A 136 -23.37 -3.78 11.01
C GLY A 136 -24.08 -5.08 10.69
N TRP A 137 -25.38 -4.97 10.45
CA TRP A 137 -26.16 -6.13 10.05
C TRP A 137 -25.57 -6.75 8.75
N GLU A 138 -25.24 -5.90 7.79
CA GLU A 138 -24.66 -6.39 6.53
C GLU A 138 -23.33 -7.12 6.71
N ALA A 139 -22.44 -6.52 7.48
CA ALA A 139 -21.15 -7.11 7.71
C ALA A 139 -21.20 -8.42 8.52
N ALA A 140 -22.20 -8.49 9.38
CA ALA A 140 -22.46 -9.71 10.13
C ALA A 140 -22.95 -10.80 9.20
N LEU A 141 -23.89 -10.47 8.33
CA LEU A 141 -24.42 -11.45 7.41
C LEU A 141 -23.31 -11.99 6.49
N SER A 142 -22.43 -11.09 6.05
CA SER A 142 -21.28 -11.53 5.29
C SER A 142 -20.37 -12.50 6.10
N ALA A 143 -20.19 -12.16 7.35
CA ALA A 143 -19.32 -12.99 8.18
C ALA A 143 -19.92 -14.36 8.40
N ILE A 144 -21.24 -14.44 8.53
CA ILE A 144 -21.91 -15.73 8.65
C ILE A 144 -21.67 -16.57 7.40
N GLU A 145 -21.83 -15.95 6.26
CA GLU A 145 -21.65 -16.64 4.99
C GLU A 145 -20.20 -17.11 4.84
N MET A 146 -19.27 -16.25 5.19
CA MET A 146 -17.86 -16.57 4.99
C MET A 146 -17.37 -17.68 5.92
N ALA A 147 -17.81 -17.60 7.18
CA ALA A 147 -17.45 -18.63 8.15
C ALA A 147 -17.99 -19.98 7.68
N ASN A 148 -19.23 -20.03 7.22
CA ASN A 148 -19.75 -21.29 6.71
C ASN A 148 -18.93 -21.74 5.48
N LEU A 149 -18.64 -20.83 4.56
CA LEU A 149 -17.90 -21.16 3.36
C LEU A 149 -16.56 -21.76 3.75
N PHE A 150 -15.92 -21.12 4.72
CA PHE A 150 -14.62 -21.55 5.14
C PHE A 150 -14.60 -22.92 5.82
N LYS A 151 -15.74 -23.40 6.31
CA LYS A 151 -15.77 -24.74 6.86
C LYS A 151 -15.36 -25.76 5.80
N SER A 152 -15.68 -25.52 4.50
CA SER A 152 -15.22 -26.43 3.44
C SER A 152 -14.03 -25.90 2.68
N LEU A 153 -13.91 -24.60 2.58
CA LEU A 153 -12.84 -24.04 1.77
C LEU A 153 -11.45 -23.99 2.41
N ARG A 154 -11.39 -23.75 3.72
CA ARG A 154 -10.13 -23.49 4.43
C ARG A 154 -9.43 -24.76 4.91
N MET B 1 -22.25 -12.93 26.23
CA MET B 1 -21.26 -12.34 25.31
C MET B 1 -19.95 -12.00 26.02
N GLN B 2 -18.82 -12.36 25.45
CA GLN B 2 -17.58 -11.90 26.03
C GLN B 2 -17.29 -10.44 25.57
N ILE B 3 -17.02 -9.55 26.52
CA ILE B 3 -16.78 -8.15 26.21
C ILE B 3 -15.42 -7.73 26.73
N TYR B 4 -14.63 -7.15 25.84
CA TYR B 4 -13.32 -6.64 26.21
C TYR B 4 -13.26 -5.17 25.97
N GLU B 5 -12.78 -4.43 26.96
CA GLU B 5 -12.59 -3.02 26.78
C GLU B 5 -11.50 -2.50 27.68
N GLY B 6 -11.01 -1.31 27.39
CA GLY B 6 -10.02 -0.69 28.23
C GLY B 6 -10.59 0.48 29.01
N LYS B 7 -10.28 0.50 30.30
CA LYS B 7 -10.56 1.64 31.16
C LYS B 7 -9.59 2.77 30.87
N LEU B 8 -9.82 3.92 31.51
CA LEU B 8 -9.05 5.11 31.24
C LEU B 8 -8.09 5.53 32.37
N THR B 9 -7.87 4.68 33.35
CA THR B 9 -6.93 4.95 34.43
C THR B 9 -5.62 4.40 33.98
N ALA B 10 -4.56 5.18 34.14
CA ALA B 10 -3.30 4.80 33.56
C ALA B 10 -2.24 4.33 34.55
N GLU B 11 -2.65 4.01 35.77
CA GLU B 11 -1.71 3.54 36.77
C GLU B 11 -0.83 2.38 36.26
N GLY B 12 0.47 2.54 36.36
CA GLY B 12 1.39 1.49 35.95
C GLY B 12 1.66 1.36 34.46
N LEU B 13 0.95 2.13 33.63
CA LEU B 13 1.16 2.04 32.20
C LEU B 13 2.39 2.83 31.80
N ARG B 14 3.08 2.35 30.78
CA ARG B 14 4.30 2.97 30.29
C ARG B 14 4.14 3.34 28.82
N PHE B 15 4.38 4.60 28.48
CA PHE B 15 4.14 5.09 27.12
C PHE B 15 5.34 5.65 26.42
N GLY B 16 5.41 5.37 25.12
CA GLY B 16 6.37 5.98 24.23
C GLY B 16 5.66 7.05 23.40
N ILE B 17 6.24 8.25 23.30
CA ILE B 17 5.74 9.32 22.47
C ILE B 17 6.82 9.61 21.48
N VAL B 18 6.45 9.64 20.20
CA VAL B 18 7.41 10.07 19.17
C VAL B 18 6.87 11.36 18.57
N ALA B 19 7.65 12.44 18.72
CA ALA B 19 7.21 13.76 18.30
C ALA B 19 8.17 14.41 17.33
N SER B 20 7.66 14.88 16.22
CA SER B 20 8.46 15.55 15.20
C SER B 20 8.67 17.02 15.55
N ARG B 21 9.74 17.59 15.01
CA ARG B 21 10.09 19.00 15.28
C ARG B 21 9.54 19.99 14.22
N PHE B 22 9.26 19.51 13.02
CA PHE B 22 8.66 20.37 12.01
C PHE B 22 7.37 20.90 12.57
N ASN B 23 7.15 22.19 12.41
CA ASN B 23 5.99 22.88 12.97
C ASN B 23 5.92 22.73 14.48
N HIS B 24 7.07 22.83 15.12
CA HIS B 24 7.16 22.61 16.55
C HIS B 24 6.29 23.54 17.37
N ALA B 25 5.98 24.74 16.89
CA ALA B 25 5.18 25.66 17.71
C ALA B 25 3.81 25.01 17.95
N LEU B 26 3.37 24.14 17.04
CA LEU B 26 2.12 23.42 17.23
C LEU B 26 2.37 22.04 17.85
N VAL B 27 3.37 21.30 17.36
CA VAL B 27 3.64 19.98 17.90
C VAL B 27 3.90 20.07 19.41
N ASP B 28 4.58 21.12 19.82
CA ASP B 28 4.89 21.28 21.24
C ASP B 28 3.66 21.37 22.12
N ARG B 29 2.57 21.90 21.58
CA ARG B 29 1.30 21.91 22.31
C ARG B 29 0.70 20.50 22.37
N LEU B 30 0.87 19.74 21.29
CA LEU B 30 0.37 18.36 21.25
C LEU B 30 1.12 17.51 22.28
N VAL B 31 2.42 17.72 22.43
CA VAL B 31 3.18 16.98 23.42
C VAL B 31 2.72 17.33 24.85
N GLU B 32 2.52 18.63 25.10
CA GLU B 32 1.96 19.05 26.39
C GLU B 32 0.66 18.31 26.67
N GLY B 33 -0.21 18.24 25.69
CA GLY B 33 -1.52 17.61 25.90
C GLY B 33 -1.41 16.12 26.19
N ALA B 34 -0.52 15.46 25.45
CA ALA B 34 -0.34 14.04 25.64
C ALA B 34 0.21 13.74 27.05
N ILE B 35 1.21 14.49 27.47
CA ILE B 35 1.79 14.25 28.77
C ILE B 35 0.76 14.55 29.85
N ASP B 36 0.05 15.66 29.71
CA ASP B 36 -0.97 16.02 30.68
C ASP B 36 -2.03 14.91 30.79
N CYS B 37 -2.53 14.43 29.66
CA CYS B 37 -3.50 13.38 29.64
C CYS B 37 -2.96 12.15 30.41
N ILE B 38 -1.75 11.74 30.12
CA ILE B 38 -1.21 10.59 30.80
C ILE B 38 -1.16 10.80 32.29
N VAL B 39 -0.53 11.91 32.68
CA VAL B 39 -0.27 12.15 34.11
C VAL B 39 -1.56 12.30 34.92
N ARG B 40 -2.51 13.07 34.44
CA ARG B 40 -3.73 13.27 35.24
C ARG B 40 -4.68 12.07 35.16
N HIS B 41 -4.41 11.12 34.27
CA HIS B 41 -5.10 9.83 34.31
C HIS B 41 -4.39 8.79 35.19
N GLY B 42 -3.38 9.22 35.91
CA GLY B 42 -2.67 8.34 36.86
C GLY B 42 -1.37 7.69 36.38
N GLY B 43 -0.96 7.95 35.14
CA GLY B 43 0.32 7.44 34.68
C GLY B 43 1.44 8.28 35.28
N ARG B 44 2.60 7.69 35.50
CA ARG B 44 3.73 8.45 36.01
C ARG B 44 4.54 9.01 34.87
N GLU B 45 5.01 10.23 35.04
CA GLU B 45 5.77 10.89 33.99
C GLU B 45 7.08 10.17 33.83
N GLU B 46 7.55 9.52 34.89
CA GLU B 46 8.77 8.75 34.77
C GLU B 46 8.64 7.57 33.86
N ASP B 47 7.41 7.13 33.64
CA ASP B 47 7.13 5.99 32.78
C ASP B 47 6.85 6.40 31.33
N ILE B 48 7.10 7.67 31.01
CA ILE B 48 6.97 8.15 29.63
C ILE B 48 8.34 8.24 29.01
N THR B 49 8.48 7.74 27.80
CA THR B 49 9.70 7.95 27.02
C THR B 49 9.33 8.83 25.81
N LEU B 50 9.99 9.97 25.69
CA LEU B 50 9.78 10.86 24.58
C LEU B 50 10.96 10.81 23.63
N VAL B 51 10.66 10.58 22.35
CA VAL B 51 11.67 10.55 21.29
C VAL B 51 11.35 11.66 20.28
N ARG B 52 12.32 12.53 20.04
CA ARG B 52 12.13 13.61 19.08
C ARG B 52 12.78 13.24 17.75
N VAL B 53 12.11 13.57 16.66
CA VAL B 53 12.63 13.35 15.31
C VAL B 53 12.40 14.62 14.48
N PRO B 54 13.12 14.78 13.38
CA PRO B 54 12.99 15.98 12.55
C PRO B 54 11.58 16.24 12.00
N GLY B 55 10.99 15.28 11.32
CA GLY B 55 9.71 15.50 10.70
C GLY B 55 8.81 14.31 10.76
N SER B 56 7.59 14.49 10.27
CA SER B 56 6.64 13.41 10.31
C SER B 56 7.16 12.19 9.54
N TRP B 57 7.95 12.41 8.49
CA TRP B 57 8.51 11.33 7.71
C TRP B 57 9.28 10.32 8.60
N GLU B 58 9.97 10.86 9.60
CA GLU B 58 10.86 10.10 10.46
C GLU B 58 10.15 9.47 11.67
N ILE B 59 8.88 9.77 11.87
CA ILE B 59 8.18 9.24 13.02
C ILE B 59 8.11 7.69 13.01
N PRO B 60 7.74 7.07 11.89
CA PRO B 60 7.60 5.61 11.85
C PRO B 60 8.85 4.84 12.28
N VAL B 61 10.01 5.16 11.72
CA VAL B 61 11.21 4.40 12.09
C VAL B 61 11.54 4.52 13.57
N ALA B 62 11.32 5.68 14.17
CA ALA B 62 11.56 5.82 15.61
C ALA B 62 10.51 5.08 16.41
N ALA B 63 9.26 5.16 15.95
CA ALA B 63 8.18 4.48 16.64
C ALA B 63 8.42 2.98 16.66
N GLY B 64 8.99 2.48 15.56
CA GLY B 64 9.30 1.08 15.39
C GLY B 64 10.28 0.63 16.48
N GLU B 65 11.24 1.48 16.85
CA GLU B 65 12.20 1.12 17.89
C GLU B 65 11.50 1.15 19.24
N LEU B 66 10.65 2.15 19.48
CA LEU B 66 10.00 2.22 20.75
C LEU B 66 9.02 1.11 20.96
N ALA B 67 8.20 0.86 19.95
CA ALA B 67 7.19 -0.17 20.05
C ALA B 67 7.78 -1.59 20.26
N ARG B 68 9.03 -1.80 19.86
CA ARG B 68 9.70 -3.08 20.07
C ARG B 68 10.13 -3.27 21.54
N LYS B 69 10.13 -2.21 22.34
CA LYS B 69 10.58 -2.33 23.72
C LYS B 69 9.50 -3.08 24.55
N GLU B 70 9.94 -4.10 25.25
CA GLU B 70 9.00 -4.88 26.04
C GLU B 70 8.38 -4.08 27.18
N ASP B 71 9.08 -3.02 27.65
CA ASP B 71 8.56 -2.20 28.72
C ASP B 71 7.83 -0.93 28.23
N ILE B 72 7.39 -0.93 26.99
CA ILE B 72 6.54 0.13 26.46
C ILE B 72 5.20 -0.49 26.15
N ASP B 73 4.11 0.00 26.75
CA ASP B 73 2.80 -0.61 26.52
C ASP B 73 2.05 -0.10 25.27
N ALA B 74 2.32 1.16 24.88
CA ALA B 74 1.71 1.72 23.69
C ALA B 74 2.57 2.90 23.26
N VAL B 75 2.50 3.21 21.98
CA VAL B 75 3.24 4.36 21.44
C VAL B 75 2.23 5.39 20.88
N ILE B 76 2.50 6.67 21.13
CA ILE B 76 1.70 7.78 20.69
C ILE B 76 2.52 8.56 19.67
N ALA B 77 2.03 8.62 18.45
CA ALA B 77 2.68 9.37 17.37
C ALA B 77 2.11 10.77 17.28
N ILE B 78 3.00 11.76 17.37
CA ILE B 78 2.63 13.15 17.37
C ILE B 78 3.43 13.96 16.33
N GLY B 79 2.72 14.63 15.44
CA GLY B 79 3.30 15.49 14.42
C GLY B 79 2.29 16.41 13.80
N VAL B 80 2.78 17.39 13.04
CA VAL B 80 1.91 18.35 12.39
C VAL B 80 2.33 18.56 10.92
N LEU B 81 1.44 18.14 10.06
CA LEU B 81 1.60 18.32 8.62
C LEU B 81 0.59 19.36 8.17
N ILE B 82 1.08 20.36 7.45
CA ILE B 82 0.24 21.39 6.89
C ILE B 82 0.53 21.45 5.39
N ARG B 83 -0.48 21.46 4.55
CA ARG B 83 -0.27 21.39 3.11
C ARG B 83 0.52 22.61 2.59
N GLY B 84 1.52 22.32 1.77
CA GLY B 84 2.23 23.38 1.08
C GLY B 84 1.66 23.52 -0.33
N ALA B 85 2.44 24.06 -1.24
CA ALA B 85 2.02 24.26 -2.62
C ALA B 85 2.08 22.98 -3.46
N THR B 86 2.92 22.02 -3.07
CA THR B 86 3.08 20.79 -3.86
C THR B 86 2.47 19.60 -3.15
N PRO B 87 2.41 18.46 -3.79
CA PRO B 87 1.94 17.22 -3.17
C PRO B 87 2.90 16.58 -2.19
N HIS B 88 3.98 17.25 -1.85
CA HIS B 88 4.90 16.82 -0.84
C HIS B 88 4.09 16.33 0.41
N PHE B 89 3.13 17.14 0.85
CA PHE B 89 2.28 16.83 2.00
C PHE B 89 1.61 15.46 1.86
N ASP B 90 1.03 15.21 0.69
CA ASP B 90 0.36 13.93 0.43
C ASP B 90 1.23 12.73 0.60
N TYR B 91 2.42 12.76 0.01
CA TYR B 91 3.30 11.59 0.08
C TYR B 91 3.80 11.35 1.53
N ILE B 92 4.09 12.42 2.26
CA ILE B 92 4.52 12.23 3.63
C ILE B 92 3.34 11.77 4.51
N ALA B 93 2.18 12.42 4.39
CA ALA B 93 1.02 12.04 5.18
C ALA B 93 0.67 10.58 4.93
N SER B 94 0.73 10.18 3.66
CA SER B 94 0.38 8.82 3.31
C SER B 94 1.35 7.84 3.98
N GLU B 95 2.63 8.12 3.88
CA GLU B 95 3.60 7.17 4.37
C GLU B 95 3.70 7.17 5.88
N VAL B 96 3.46 8.30 6.53
CA VAL B 96 3.53 8.29 8.00
C VAL B 96 2.37 7.46 8.57
N SER B 97 1.17 7.67 8.04
CA SER B 97 0.02 6.94 8.51
C SER B 97 0.15 5.46 8.18
N LYS B 98 0.58 5.13 6.97
CA LYS B 98 0.78 3.73 6.61
C LYS B 98 1.80 3.04 7.47
N GLY B 99 2.95 3.68 7.71
CA GLY B 99 4.00 3.07 8.52
C GLY B 99 3.56 2.78 9.94
N LEU B 100 2.93 3.78 10.55
CA LEU B 100 2.45 3.60 11.87
C LEU B 100 1.46 2.46 11.96
N ALA B 101 0.51 2.42 11.04
CA ALA B 101 -0.52 1.37 11.08
C ALA B 101 0.10 -0.02 10.89
N ASN B 102 1.02 -0.11 9.92
CA ASN B 102 1.71 -1.34 9.64
C ASN B 102 2.52 -1.82 10.84
N LEU B 103 3.25 -0.90 11.48
CA LEU B 103 4.03 -1.29 12.65
C LEU B 103 3.15 -1.82 13.77
N SER B 104 2.02 -1.18 13.97
CA SER B 104 1.16 -1.61 15.03
C SER B 104 0.72 -3.08 14.83
N LEU B 105 0.40 -3.41 13.61
CA LEU B 105 -0.04 -4.77 13.31
C LEU B 105 1.12 -5.74 13.38
N GLU B 106 2.27 -5.34 12.84
CA GLU B 106 3.43 -6.22 12.83
C GLU B 106 3.89 -6.52 14.27
N LEU B 107 3.88 -5.51 15.13
CA LEU B 107 4.36 -5.69 16.45
C LEU B 107 3.26 -6.03 17.45
N ARG B 108 2.04 -6.09 16.96
CA ARG B 108 0.90 -6.42 17.81
C ARG B 108 0.88 -5.57 19.07
N LYS B 109 1.02 -4.27 18.88
CA LYS B 109 1.07 -3.30 19.96
C LYS B 109 0.39 -2.01 19.53
N PRO B 110 -0.39 -1.40 20.40
CA PRO B 110 -1.11 -0.18 19.98
C PRO B 110 -0.18 0.94 19.67
N ILE B 111 -0.42 1.60 18.54
CA ILE B 111 0.30 2.80 18.19
C ILE B 111 -0.79 3.78 17.77
N THR B 112 -0.94 4.86 18.51
CA THR B 112 -2.05 5.78 18.27
C THR B 112 -1.58 7.00 17.45
N PHE B 113 -2.56 7.69 16.88
CA PHE B 113 -2.35 8.61 15.80
C PHE B 113 -2.74 9.99 16.21
N GLY B 114 -1.73 10.74 16.62
CA GLY B 114 -1.91 12.12 16.99
C GLY B 114 -1.17 13.01 16.02
N VAL B 115 -1.22 12.65 14.74
CA VAL B 115 -0.59 13.44 13.68
C VAL B 115 -1.67 14.27 13.00
N ILE B 116 -1.52 15.59 13.02
CA ILE B 116 -2.45 16.46 12.35
C ILE B 116 -2.08 16.47 10.86
N THR B 117 -3.09 16.40 9.99
CA THR B 117 -2.89 16.49 8.53
C THR B 117 -3.85 17.55 8.02
N ALA B 118 -3.38 18.78 8.06
CA ALA B 118 -4.20 19.94 7.81
C ALA B 118 -3.96 20.56 6.45
N ASP B 119 -5.05 21.02 5.81
CA ASP B 119 -4.94 21.77 4.58
C ASP B 119 -4.42 23.17 4.83
N THR B 120 -4.73 23.71 6.01
CA THR B 120 -4.34 25.08 6.35
C THR B 120 -3.74 25.21 7.74
N LEU B 121 -2.98 26.27 7.92
CA LEU B 121 -2.38 26.58 9.20
C LEU B 121 -3.50 26.76 10.25
N GLU B 122 -4.59 27.43 9.84
CA GLU B 122 -5.67 27.65 10.77
C GLU B 122 -6.23 26.35 11.31
N GLN B 123 -6.43 25.38 10.44
CA GLN B 123 -6.90 24.06 10.86
C GLN B 123 -5.91 23.37 11.82
N ALA B 124 -4.62 23.55 11.61
CA ALA B 124 -3.63 22.96 12.49
C ALA B 124 -3.74 23.60 13.89
N ILE B 125 -3.82 24.92 13.93
CA ILE B 125 -3.97 25.62 15.21
C ILE B 125 -5.22 25.15 15.96
N GLU B 126 -6.32 25.06 15.25
CA GLU B 126 -7.57 24.58 15.81
C GLU B 126 -7.40 23.25 16.59
N ARG B 127 -6.56 22.38 16.05
CA ARG B 127 -6.44 21.03 16.56
C ARG B 127 -5.24 20.83 17.48
N ALA B 128 -4.51 21.90 17.72
CA ALA B 128 -3.34 21.84 18.57
C ALA B 128 -3.54 22.65 19.85
N GLY B 129 -4.65 22.43 20.52
CA GLY B 129 -4.93 23.13 21.74
C GLY B 129 -5.89 24.32 21.68
N THR B 130 -6.66 24.44 20.60
CA THR B 130 -7.69 25.46 20.58
C THR B 130 -9.04 24.85 20.36
N LYS B 131 -9.84 25.44 19.47
CA LYS B 131 -11.26 25.13 19.42
C LYS B 131 -11.60 23.67 19.03
N HIS B 132 -10.76 23.01 18.28
CA HIS B 132 -11.05 21.62 17.97
C HIS B 132 -10.19 20.66 18.82
N GLY B 133 -9.80 21.11 20.01
CA GLY B 133 -9.11 20.24 20.95
C GLY B 133 -7.62 20.16 20.71
N ASN B 134 -7.06 19.07 21.25
CA ASN B 134 -5.65 18.82 21.23
C ASN B 134 -5.45 17.34 20.84
N LYS B 135 -4.94 17.14 19.64
CA LYS B 135 -4.80 15.80 19.10
C LYS B 135 -3.79 14.95 19.86
N GLY B 136 -2.84 15.57 20.57
CA GLY B 136 -1.90 14.85 21.43
C GLY B 136 -2.64 14.26 22.62
N TRP B 137 -3.48 15.07 23.23
CA TRP B 137 -4.29 14.61 24.34
C TRP B 137 -5.16 13.45 23.88
N GLU B 138 -5.78 13.60 22.71
CA GLU B 138 -6.68 12.55 22.20
C GLU B 138 -5.95 11.23 21.93
N ALA B 139 -4.82 11.33 21.27
CA ALA B 139 -4.06 10.15 20.95
C ALA B 139 -3.51 9.48 22.23
N ALA B 140 -3.18 10.28 23.22
CA ALA B 140 -2.75 9.72 24.49
C ALA B 140 -3.90 8.98 25.17
N LEU B 141 -5.07 9.59 25.19
CA LEU B 141 -6.22 8.93 25.80
C LEU B 141 -6.48 7.60 25.12
N SER B 142 -6.38 7.58 23.79
CA SER B 142 -6.57 6.32 23.07
C SER B 142 -5.52 5.30 23.47
N ALA B 143 -4.27 5.74 23.62
CA ALA B 143 -3.22 4.81 23.98
C ALA B 143 -3.43 4.23 25.37
N ILE B 144 -3.97 5.04 26.28
CA ILE B 144 -4.31 4.57 27.63
C ILE B 144 -5.32 3.42 27.53
N GLU B 145 -6.38 3.69 26.78
CA GLU B 145 -7.47 2.73 26.62
C GLU B 145 -6.94 1.41 25.97
N MET B 146 -6.14 1.55 24.91
CA MET B 146 -5.64 0.40 24.20
C MET B 146 -4.66 -0.44 25.03
N ALA B 147 -3.77 0.21 25.77
CA ALA B 147 -2.84 -0.49 26.62
C ALA B 147 -3.62 -1.28 27.69
N ASN B 148 -4.64 -0.67 28.27
CA ASN B 148 -5.46 -1.38 29.24
C ASN B 148 -6.19 -2.54 28.58
N LEU B 149 -6.75 -2.30 27.39
CA LEU B 149 -7.44 -3.34 26.67
C LEU B 149 -6.51 -4.49 26.41
N PHE B 150 -5.28 -4.16 25.99
CA PHE B 150 -4.35 -5.18 25.65
C PHE B 150 -3.91 -6.06 26.85
N LYS B 151 -4.03 -5.54 28.08
CA LYS B 151 -3.68 -6.35 29.23
C LYS B 151 -4.48 -7.66 29.16
N SER B 152 -5.74 -7.61 28.69
CA SER B 152 -6.51 -8.88 28.61
C SER B 152 -6.53 -9.45 27.20
N LEU B 153 -6.53 -8.58 26.22
CA LEU B 153 -6.68 -9.04 24.86
C LEU B 153 -5.45 -9.70 24.23
N ARG B 154 -4.26 -9.21 24.55
CA ARG B 154 -3.01 -9.62 23.90
C ARG B 154 -2.43 -10.89 24.49
N MET C 1 10.98 11.59 33.16
CA MET C 1 10.73 11.19 31.77
C MET C 1 12.02 10.81 31.06
N GLN C 2 12.04 9.73 30.31
CA GLN C 2 13.19 9.47 29.44
C GLN C 2 13.03 10.24 28.11
N ILE C 3 14.06 10.95 27.67
CA ILE C 3 14.03 11.75 26.47
C ILE C 3 15.18 11.38 25.57
N TYR C 4 14.86 11.02 24.34
CA TYR C 4 15.88 10.69 23.36
C TYR C 4 15.78 11.68 22.25
N GLU C 5 16.92 12.20 21.85
CA GLU C 5 17.02 13.08 20.71
C GLU C 5 18.38 13.00 20.05
N GLY C 6 18.45 13.49 18.82
CA GLY C 6 19.71 13.53 18.13
C GLY C 6 20.23 14.96 18.01
N LYS C 7 21.52 15.13 18.27
CA LYS C 7 22.20 16.39 18.04
C LYS C 7 22.51 16.54 16.55
N LEU C 8 23.03 17.71 16.17
CA LEU C 8 23.27 18.02 14.77
C LEU C 8 24.76 18.09 14.37
N THR C 9 25.65 17.60 15.23
CA THR C 9 27.07 17.47 14.86
C THR C 9 27.22 16.12 14.27
N ALA C 10 27.96 16.05 13.17
CA ALA C 10 28.05 14.84 12.39
C ALA C 10 29.38 14.11 12.46
N GLU C 11 30.19 14.47 13.43
CA GLU C 11 31.50 13.83 13.59
C GLU C 11 31.35 12.29 13.62
N GLY C 12 32.09 11.62 12.77
CA GLY C 12 32.11 10.16 12.74
C GLY C 12 30.93 9.50 12.04
N LEU C 13 29.96 10.28 11.58
CA LEU C 13 28.80 9.70 10.95
C LEU C 13 29.09 9.41 9.46
N ARG C 14 28.49 8.34 8.97
CA ARG C 14 28.67 7.87 7.62
C ARG C 14 27.33 7.83 6.89
N PHE C 15 27.26 8.50 5.75
CA PHE C 15 26.00 8.59 5.00
C PHE C 15 26.01 8.02 3.62
N GLY C 16 24.87 7.45 3.26
CA GLY C 16 24.63 7.06 1.89
C GLY C 16 23.69 8.09 1.25
N ILE C 17 23.97 8.52 0.04
CA ILE C 17 23.10 9.43 -0.70
C ILE C 17 22.77 8.71 -1.99
N VAL C 18 21.49 8.57 -2.30
CA VAL C 18 21.10 8.01 -3.59
C VAL C 18 20.43 9.12 -4.38
N ALA C 19 20.99 9.45 -5.54
CA ALA C 19 20.51 10.58 -6.31
C ALA C 19 20.21 10.22 -7.74
N SER C 20 19.03 10.58 -8.21
CA SER C 20 18.60 10.26 -9.54
C SER C 20 19.10 11.31 -10.54
N ARG C 21 19.20 10.91 -11.79
CA ARG C 21 19.71 11.79 -12.86
C ARG C 21 18.60 12.56 -13.59
N PHE C 22 17.38 12.04 -13.57
CA PHE C 22 16.29 12.75 -14.22
C PHE C 22 16.21 14.12 -13.57
N ASN C 23 16.05 15.14 -14.39
CA ASN C 23 16.05 16.51 -13.92
C ASN C 23 17.31 16.91 -13.19
N HIS C 24 18.45 16.44 -13.72
CA HIS C 24 19.73 16.59 -12.99
C HIS C 24 20.11 18.04 -12.75
N ALA C 25 19.62 19.00 -13.56
CA ALA C 25 20.05 20.37 -13.38
C ALA C 25 19.53 20.86 -12.01
N LEU C 26 18.45 20.25 -11.51
CA LEU C 26 17.96 20.52 -10.16
C LEU C 26 18.50 19.53 -9.14
N VAL C 27 18.47 18.23 -9.43
CA VAL C 27 19.00 17.22 -8.53
C VAL C 27 20.45 17.56 -8.14
N ASP C 28 21.25 18.00 -9.10
CA ASP C 28 22.63 18.34 -8.78
C ASP C 28 22.77 19.42 -7.71
N ARG C 29 21.83 20.37 -7.65
CA ARG C 29 21.85 21.38 -6.58
C ARG C 29 21.49 20.74 -5.24
N LEU C 30 20.53 19.81 -5.24
CA LEU C 30 20.17 19.08 -4.03
C LEU C 30 21.38 18.27 -3.48
N VAL C 31 22.14 17.63 -4.36
CA VAL C 31 23.30 16.87 -3.92
C VAL C 31 24.36 17.81 -3.32
N GLU C 32 24.59 18.97 -3.94
CA GLU C 32 25.50 19.97 -3.39
C GLU C 32 25.07 20.36 -1.98
N GLY C 33 23.77 20.59 -1.80
CA GLY C 33 23.29 20.98 -0.49
C GLY C 33 23.47 19.89 0.55
N ALA C 34 23.20 18.64 0.17
CA ALA C 34 23.31 17.54 1.10
C ALA C 34 24.78 17.39 1.54
N ILE C 35 25.70 17.47 0.59
CA ILE C 35 27.11 17.27 0.93
C ILE C 35 27.60 18.40 1.81
N ASP C 36 27.21 19.62 1.47
CA ASP C 36 27.58 20.78 2.24
C ASP C 36 27.07 20.69 3.69
N CYS C 37 25.83 20.29 3.85
CA CYS C 37 25.23 20.18 5.16
C CYS C 37 26.05 19.17 5.96
N ILE C 38 26.35 18.04 5.38
CA ILE C 38 27.11 17.03 6.10
C ILE C 38 28.46 17.56 6.53
N VAL C 39 29.19 18.09 5.57
CA VAL C 39 30.55 18.49 5.80
C VAL C 39 30.66 19.62 6.80
N ARG C 40 29.81 20.64 6.67
CA ARG C 40 29.94 21.77 7.60
C ARG C 40 29.34 21.48 8.97
N HIS C 41 28.61 20.39 9.09
CA HIS C 41 28.21 19.87 10.42
C HIS C 41 29.26 18.92 11.06
N GLY C 42 30.41 18.79 10.42
CA GLY C 42 31.53 17.97 10.96
C GLY C 42 31.71 16.57 10.38
N GLY C 43 30.83 16.17 9.47
CA GLY C 43 30.96 14.86 8.84
C GLY C 43 32.09 14.93 7.83
N ARG C 44 32.79 13.84 7.56
CA ARG C 44 33.81 13.87 6.53
C ARG C 44 33.23 13.51 5.19
N GLU C 45 33.73 14.14 4.14
CA GLU C 45 33.23 13.85 2.80
C GLU C 45 33.58 12.45 2.39
N GLU C 46 34.68 11.94 2.91
CA GLU C 46 35.10 10.57 2.61
C GLU C 46 34.10 9.57 3.14
N ASP C 47 33.34 9.96 4.14
CA ASP C 47 32.39 9.07 4.80
C ASP C 47 31.02 9.10 4.13
N ILE C 48 30.98 9.78 3.00
CA ILE C 48 29.77 9.80 2.18
C ILE C 48 29.90 8.83 1.05
N THR C 49 28.90 8.01 0.84
CA THR C 49 28.83 7.18 -0.36
C THR C 49 27.68 7.69 -1.24
N LEU C 50 27.99 8.06 -2.47
CA LEU C 50 27.01 8.58 -3.40
C LEU C 50 26.72 7.55 -4.46
N VAL C 51 25.45 7.21 -4.63
CA VAL C 51 25.02 6.27 -5.66
C VAL C 51 24.10 7.00 -6.63
N ARG C 52 24.42 6.93 -7.92
CA ARG C 52 23.59 7.61 -8.91
C ARG C 52 22.72 6.55 -9.60
N VAL C 53 21.48 6.93 -9.88
CA VAL C 53 20.52 6.08 -10.58
C VAL C 53 19.77 6.90 -11.65
N PRO C 54 19.16 6.25 -12.62
CA PRO C 54 18.48 6.98 -13.67
C PRO C 54 17.35 7.91 -13.20
N GLY C 55 16.41 7.38 -12.46
CA GLY C 55 15.24 8.19 -12.13
C GLY C 55 14.75 7.89 -10.75
N SER C 56 13.78 8.66 -10.31
CA SER C 56 13.27 8.47 -8.95
C SER C 56 12.79 7.03 -8.79
N TRP C 57 12.26 6.44 -9.85
CA TRP C 57 11.76 5.07 -9.76
C TRP C 57 12.80 4.10 -9.21
N GLU C 58 14.05 4.33 -9.60
CA GLU C 58 15.17 3.45 -9.23
C GLU C 58 15.84 3.79 -7.90
N ILE C 59 15.41 4.85 -7.23
CA ILE C 59 16.03 5.21 -5.98
C ILE C 59 15.85 4.11 -4.93
N PRO C 60 14.63 3.58 -4.73
CA PRO C 60 14.43 2.61 -3.65
C PRO C 60 15.35 1.40 -3.69
N VAL C 61 15.45 0.74 -4.83
CA VAL C 61 16.28 -0.46 -4.91
C VAL C 61 17.75 -0.16 -4.61
N ALA C 62 18.28 0.98 -5.06
CA ALA C 62 19.64 1.34 -4.70
C ALA C 62 19.74 1.66 -3.20
N ALA C 63 18.75 2.36 -2.68
CA ALA C 63 18.75 2.72 -1.28
C ALA C 63 18.72 1.50 -0.39
N GLY C 64 18.04 0.47 -0.84
CA GLY C 64 17.96 -0.80 -0.17
C GLY C 64 19.34 -1.43 -0.01
N GLU C 65 20.17 -1.34 -1.04
CA GLU C 65 21.53 -1.89 -0.98
C GLU C 65 22.39 -1.07 -0.03
N LEU C 66 22.28 0.25 -0.08
CA LEU C 66 23.06 1.09 0.80
C LEU C 66 22.70 0.99 2.23
N ALA C 67 21.39 0.97 2.51
CA ALA C 67 20.91 0.91 3.87
C ALA C 67 21.27 -0.45 4.56
N ARG C 68 21.48 -1.50 3.77
CA ARG C 68 21.87 -2.78 4.32
C ARG C 68 23.36 -2.78 4.76
N LYS C 69 24.14 -1.79 4.35
CA LYS C 69 25.56 -1.76 4.72
C LYS C 69 25.69 -1.41 6.20
N GLU C 70 26.42 -2.20 6.92
CA GLU C 70 26.62 -1.96 8.36
C GLU C 70 27.38 -0.68 8.65
N ASP C 71 28.22 -0.24 7.73
CA ASP C 71 28.94 1.01 7.90
C ASP C 71 28.25 2.24 7.27
N ILE C 72 26.95 2.14 7.02
CA ILE C 72 26.16 3.29 6.62
C ILE C 72 25.20 3.61 7.76
N ASP C 73 25.26 4.81 8.32
CA ASP C 73 24.40 5.15 9.45
C ASP C 73 22.98 5.62 9.04
N ALA C 74 22.86 6.25 7.88
CA ALA C 74 21.58 6.75 7.38
C ALA C 74 21.71 6.96 5.89
N VAL C 75 20.60 6.86 5.20
CA VAL C 75 20.54 7.08 3.78
C VAL C 75 19.66 8.29 3.45
N ILE C 76 20.14 9.12 2.53
CA ILE C 76 19.46 10.30 2.10
C ILE C 76 19.04 10.09 0.65
N ALA C 77 17.74 10.15 0.39
CA ALA C 77 17.20 9.96 -0.93
C ALA C 77 16.96 11.29 -1.59
N ILE C 78 17.53 11.47 -2.79
CA ILE C 78 17.45 12.73 -3.51
C ILE C 78 17.01 12.54 -4.95
N GLY C 79 15.95 13.27 -5.31
CA GLY C 79 15.44 13.22 -6.66
C GLY C 79 14.51 14.37 -6.92
N VAL C 80 14.14 14.55 -8.20
CA VAL C 80 13.22 15.63 -8.56
C VAL C 80 12.18 15.08 -9.52
N LEU C 81 10.94 15.10 -9.06
CA LEU C 81 9.77 14.76 -9.88
C LEU C 81 8.93 16.01 -10.14
N ILE C 82 8.66 16.25 -11.41
CA ILE C 82 7.85 17.37 -11.83
C ILE C 82 6.71 16.78 -12.64
N ARG C 83 5.50 17.19 -12.36
CA ARG C 83 4.32 16.63 -13.02
C ARG C 83 4.36 16.89 -14.53
N GLY C 84 4.11 15.82 -15.29
CA GLY C 84 3.94 15.94 -16.72
C GLY C 84 2.46 16.01 -17.03
N ALA C 85 2.09 15.67 -18.26
CA ALA C 85 0.69 15.72 -18.70
C ALA C 85 -0.11 14.52 -18.22
N THR C 86 0.55 13.41 -17.89
CA THR C 86 -0.16 12.18 -17.52
C THR C 86 0.08 11.88 -16.06
N PRO C 87 -0.62 10.90 -15.51
CA PRO C 87 -0.42 10.48 -14.11
C PRO C 87 0.85 9.67 -13.86
N HIS C 88 1.70 9.56 -14.86
CA HIS C 88 3.00 8.95 -14.70
C HIS C 88 3.67 9.43 -13.40
N PHE C 89 3.67 10.75 -13.18
CA PHE C 89 4.24 11.39 -11.98
C PHE C 89 3.68 10.75 -10.69
N ASP C 90 2.36 10.62 -10.63
CA ASP C 90 1.68 10.05 -9.46
C ASP C 90 2.14 8.66 -9.10
N TYR C 91 2.24 7.79 -10.09
CA TYR C 91 2.63 6.38 -9.83
C TYR C 91 4.09 6.30 -9.39
N ILE C 92 4.95 7.12 -10.00
CA ILE C 92 6.37 7.11 -9.58
C ILE C 92 6.53 7.77 -8.20
N ALA C 93 5.89 8.92 -7.97
CA ALA C 93 5.97 9.57 -6.65
C ALA C 93 5.47 8.66 -5.56
N SER C 94 4.35 7.97 -5.82
CA SER C 94 3.76 7.09 -4.83
C SER C 94 4.70 5.96 -4.51
N GLU C 95 5.27 5.34 -5.53
CA GLU C 95 6.12 4.21 -5.28
C GLU C 95 7.48 4.56 -4.71
N VAL C 96 8.07 5.66 -5.09
CA VAL C 96 9.34 6.02 -4.51
C VAL C 96 9.19 6.30 -2.99
N SER C 97 8.18 7.07 -2.63
CA SER C 97 7.98 7.39 -1.24
C SER C 97 7.60 6.13 -0.42
N LYS C 98 6.74 5.27 -0.96
CA LYS C 98 6.42 4.04 -0.22
C LYS C 98 7.62 3.12 -0.06
N GLY C 99 8.39 2.94 -1.11
CA GLY C 99 9.55 2.07 -1.02
C GLY C 99 10.58 2.54 -0.01
N LEU C 100 10.90 3.79 -0.06
CA LEU C 100 11.84 4.34 0.90
C LEU C 100 11.31 4.16 2.32
N ALA C 101 10.05 4.50 2.57
CA ALA C 101 9.51 4.39 3.92
C ALA C 101 9.52 2.94 4.40
N ASN C 102 9.09 2.02 3.52
CA ASN C 102 9.08 0.60 3.80
C ASN C 102 10.49 0.07 4.10
N LEU C 103 11.48 0.47 3.31
CA LEU C 103 12.85 0.04 3.56
C LEU C 103 13.33 0.51 4.92
N SER C 104 13.01 1.73 5.26
CA SER C 104 13.47 2.24 6.53
C SER C 104 12.97 1.38 7.70
N LEU C 105 11.72 1.00 7.63
CA LEU C 105 11.15 0.22 8.70
C LEU C 105 11.71 -1.23 8.66
N GLU C 106 11.80 -1.80 7.48
CA GLU C 106 12.28 -3.18 7.37
C GLU C 106 13.73 -3.25 7.84
N LEU C 107 14.55 -2.27 7.51
CA LEU C 107 15.94 -2.34 7.91
C LEU C 107 16.26 -1.62 9.20
N ARG C 108 15.24 -1.05 9.82
CA ARG C 108 15.40 -0.33 11.04
C ARG C 108 16.56 0.65 10.96
N LYS C 109 16.55 1.49 9.93
CA LYS C 109 17.59 2.45 9.70
C LYS C 109 16.99 3.70 9.07
N PRO C 110 17.42 4.85 9.49
CA PRO C 110 16.84 6.08 8.94
C PRO C 110 17.13 6.23 7.46
N ILE C 111 16.07 6.53 6.74
CA ILE C 111 16.16 6.90 5.35
C ILE C 111 15.36 8.17 5.22
N THR C 112 16.03 9.26 4.84
CA THR C 112 15.34 10.58 4.79
C THR C 112 15.00 10.94 3.37
N PHE C 113 14.08 11.91 3.28
CA PHE C 113 13.34 12.14 2.06
C PHE C 113 13.62 13.51 1.50
N GLY C 114 14.52 13.53 0.52
CA GLY C 114 14.90 14.74 -0.18
C GLY C 114 14.45 14.67 -1.61
N VAL C 115 13.28 14.08 -1.83
CA VAL C 115 12.75 13.95 -3.18
C VAL C 115 11.71 15.06 -3.35
N ILE C 116 11.91 15.92 -4.32
CA ILE C 116 10.92 16.95 -4.61
C ILE C 116 9.79 16.33 -5.44
N THR C 117 8.54 16.67 -5.13
CA THR C 117 7.38 16.21 -5.91
C THR C 117 6.58 17.41 -6.26
N ALA C 118 6.97 18.05 -7.36
CA ALA C 118 6.44 19.34 -7.74
C ALA C 118 5.41 19.27 -8.86
N ASP C 119 4.39 20.11 -8.77
CA ASP C 119 3.41 20.23 -9.84
C ASP C 119 3.98 21.02 -10.99
N THR C 120 4.89 21.92 -10.69
CA THR C 120 5.47 22.76 -11.75
C THR C 120 7.01 22.84 -11.66
N LEU C 121 7.63 23.25 -12.76
CA LEU C 121 9.07 23.44 -12.81
C LEU C 121 9.44 24.55 -11.84
N GLU C 122 8.62 25.62 -11.78
CA GLU C 122 8.89 26.70 -10.87
C GLU C 122 9.01 26.24 -9.43
N GLN C 123 8.07 25.40 -9.02
CA GLN C 123 8.07 24.84 -7.65
C GLN C 123 9.34 24.01 -7.38
N ALA C 124 9.81 23.29 -8.40
CA ALA C 124 11.03 22.50 -8.26
C ALA C 124 12.25 23.40 -8.06
N ILE C 125 12.35 24.44 -8.87
CA ILE C 125 13.45 25.39 -8.74
C ILE C 125 13.44 26.04 -7.37
N GLU C 126 12.26 26.42 -6.89
CA GLU C 126 12.13 27.05 -5.58
C GLU C 126 12.75 26.18 -4.49
N ARG C 127 12.64 24.86 -4.64
CA ARG C 127 13.04 23.94 -3.60
C ARG C 127 14.41 23.32 -3.79
N ALA C 128 15.08 23.71 -4.86
CA ALA C 128 16.38 23.18 -5.19
C ALA C 128 17.48 24.25 -5.11
N GLY C 129 17.50 24.96 -4.00
CA GLY C 129 18.47 25.99 -3.80
C GLY C 129 18.05 27.43 -4.03
N THR C 130 16.73 27.70 -4.10
CA THR C 130 16.30 29.08 -4.16
C THR C 130 15.40 29.45 -3.00
N LYS C 131 14.30 30.11 -3.28
CA LYS C 131 13.50 30.74 -2.22
C LYS C 131 12.91 29.79 -1.16
N HIS C 132 12.62 28.56 -1.53
CA HIS C 132 12.10 27.61 -0.58
C HIS C 132 13.18 26.60 -0.10
N GLY C 133 14.44 27.04 -0.16
CA GLY C 133 15.54 26.25 0.38
C GLY C 133 16.03 25.16 -0.55
N ASN C 134 16.69 24.18 0.06
CA ASN C 134 17.34 23.11 -0.66
C ASN C 134 16.94 21.83 0.04
N LYS C 135 16.12 21.01 -0.64
CA LYS C 135 15.60 19.80 0.00
C LYS C 135 16.69 18.77 0.26
N GLY C 136 17.81 18.83 -0.46
CA GLY C 136 18.94 17.96 -0.17
C GLY C 136 19.61 18.31 1.16
N TRP C 137 19.77 19.60 1.38
CA TRP C 137 20.30 20.10 2.65
C TRP C 137 19.38 19.67 3.77
N GLU C 138 18.08 19.85 3.59
CA GLU C 138 17.13 19.49 4.62
C GLU C 138 17.13 18.00 4.94
N ALA C 139 17.16 17.16 3.91
CA ALA C 139 17.14 15.74 4.12
C ALA C 139 18.44 15.25 4.80
N ALA C 140 19.54 15.92 4.49
CA ALA C 140 20.82 15.60 5.08
C ALA C 140 20.78 15.97 6.56
N LEU C 141 20.25 17.16 6.86
CA LEU C 141 20.18 17.56 8.25
C LEU C 141 19.34 16.57 9.05
N SER C 142 18.23 16.11 8.47
CA SER C 142 17.41 15.10 9.14
C SER C 142 18.19 13.80 9.39
N ALA C 143 18.97 13.37 8.39
CA ALA C 143 19.73 12.13 8.49
C ALA C 143 20.80 12.24 9.58
N ILE C 144 21.40 13.42 9.71
CA ILE C 144 22.38 13.65 10.77
C ILE C 144 21.70 13.44 12.12
N GLU C 145 20.57 14.08 12.30
CA GLU C 145 19.83 14.01 13.54
C GLU C 145 19.41 12.56 13.84
N MET C 146 18.91 11.85 12.82
CA MET C 146 18.41 10.51 13.03
C MET C 146 19.53 9.52 13.34
N ALA C 147 20.64 9.65 12.62
CA ALA C 147 21.79 8.76 12.89
C ALA C 147 22.25 8.97 14.32
N ASN C 148 22.34 10.24 14.76
CA ASN C 148 22.75 10.46 16.15
C ASN C 148 21.74 9.86 17.13
N LEU C 149 20.45 10.05 16.84
CA LEU C 149 19.39 9.56 17.71
C LEU C 149 19.51 8.08 17.82
N PHE C 150 19.75 7.45 16.67
CA PHE C 150 19.83 6.01 16.61
C PHE C 150 21.01 5.41 17.39
N LYS C 151 22.04 6.19 17.62
CA LYS C 151 23.16 5.71 18.44
C LYS C 151 22.65 5.31 19.84
N SER C 152 21.60 5.95 20.36
CA SER C 152 21.04 5.50 21.67
C SER C 152 19.74 4.71 21.53
N LEU C 153 18.96 5.05 20.51
CA LEU C 153 17.68 4.42 20.35
C LEU C 153 17.69 3.02 19.76
N ARG C 154 18.63 2.73 18.84
CA ARG C 154 18.61 1.47 18.08
C ARG C 154 19.30 0.32 18.77
N MET D 1 35.18 10.68 -1.29
CA MET D 1 33.82 10.17 -1.35
C MET D 1 33.69 8.91 -2.20
N GLN D 2 33.01 7.89 -1.69
CA GLN D 2 32.80 6.75 -2.57
C GLN D 2 31.64 7.03 -3.54
N ILE D 3 31.85 6.77 -4.84
CA ILE D 3 30.85 7.03 -5.83
C ILE D 3 30.56 5.78 -6.63
N TYR D 4 29.29 5.42 -6.72
CA TYR D 4 28.89 4.28 -7.50
C TYR D 4 27.95 4.73 -8.58
N GLU D 5 28.21 4.28 -9.79
CA GLU D 5 27.32 4.56 -10.89
C GLU D 5 27.39 3.48 -11.95
N GLY D 6 26.40 3.46 -12.83
CA GLY D 6 26.39 2.50 -13.91
C GLY D 6 26.66 3.20 -15.23
N LYS D 7 27.56 2.61 -16.00
CA LYS D 7 27.77 3.02 -17.37
C LYS D 7 26.61 2.52 -18.25
N LEU D 8 26.66 2.92 -19.52
CA LEU D 8 25.61 2.61 -20.48
C LEU D 8 25.98 1.60 -21.56
N THR D 9 27.13 0.93 -21.45
CA THR D 9 27.48 -0.14 -22.37
C THR D 9 26.91 -1.39 -21.81
N ALA D 10 26.32 -2.20 -22.67
CA ALA D 10 25.57 -3.35 -22.23
C ALA D 10 26.21 -4.70 -22.54
N GLU D 11 27.49 -4.68 -22.86
CA GLU D 11 28.21 -5.92 -23.15
C GLU D 11 28.05 -6.93 -22.00
N GLY D 12 27.63 -8.13 -22.35
CA GLY D 12 27.48 -9.20 -21.38
C GLY D 12 26.22 -9.18 -20.51
N LEU D 13 25.42 -8.11 -20.60
CA LEU D 13 24.25 -7.99 -19.75
C LEU D 13 23.09 -8.82 -20.33
N ARG D 14 22.28 -9.34 -19.43
CA ARG D 14 21.14 -10.18 -19.81
C ARG D 14 19.87 -9.55 -19.27
N PHE D 15 18.89 -9.34 -20.13
CA PHE D 15 17.64 -8.68 -19.76
C PHE D 15 16.37 -9.48 -19.96
N GLY D 16 15.47 -9.28 -19.03
CA GLY D 16 14.12 -9.81 -19.13
C GLY D 16 13.19 -8.64 -19.48
N ILE D 17 12.31 -8.82 -20.45
CA ILE D 17 11.31 -7.83 -20.84
C ILE D 17 9.98 -8.51 -20.66
N VAL D 18 9.08 -7.89 -19.92
CA VAL D 18 7.70 -8.38 -19.83
C VAL D 18 6.78 -7.36 -20.51
N ALA D 19 6.09 -7.80 -21.54
CA ALA D 19 5.28 -6.88 -22.33
C ALA D 19 3.89 -7.36 -22.46
N SER D 20 2.95 -6.47 -22.18
CA SER D 20 1.55 -6.82 -22.27
C SER D 20 1.01 -6.67 -23.67
N ARG D 21 -0.05 -7.40 -23.98
CA ARG D 21 -0.70 -7.33 -25.30
C ARG D 21 -1.81 -6.28 -25.44
N PHE D 22 -2.44 -5.89 -24.33
CA PHE D 22 -3.48 -4.85 -24.42
C PHE D 22 -2.82 -3.62 -25.05
N ASN D 23 -3.49 -2.96 -25.99
CA ASN D 23 -2.96 -1.83 -26.69
C ASN D 23 -1.67 -2.14 -27.42
N HIS D 24 -1.61 -3.34 -28.02
CA HIS D 24 -0.39 -3.85 -28.64
C HIS D 24 0.13 -2.94 -29.74
N ALA D 25 -0.74 -2.20 -30.40
CA ALA D 25 -0.27 -1.39 -31.52
C ALA D 25 0.73 -0.36 -30.97
N LEU D 26 0.58 0.03 -29.71
CA LEU D 26 1.53 0.91 -29.07
C LEU D 26 2.58 0.12 -28.28
N VAL D 27 2.18 -0.89 -27.52
CA VAL D 27 3.17 -1.68 -26.79
C VAL D 27 4.25 -2.25 -27.75
N ASP D 28 3.83 -2.72 -28.93
CA ASP D 28 4.80 -3.21 -29.88
C ASP D 28 5.90 -2.21 -30.26
N ARG D 29 5.58 -0.92 -30.28
CA ARG D 29 6.62 0.08 -30.55
C ARG D 29 7.55 0.19 -29.35
N LEU D 30 6.99 0.08 -28.13
CA LEU D 30 7.82 0.12 -26.92
C LEU D 30 8.80 -1.07 -26.91
N VAL D 31 8.36 -2.25 -27.32
CA VAL D 31 9.23 -3.43 -27.33
C VAL D 31 10.36 -3.22 -28.36
N GLU D 32 10.01 -2.70 -29.54
CA GLU D 32 11.03 -2.38 -30.56
C GLU D 32 12.09 -1.43 -29.98
N GLY D 33 11.64 -0.42 -29.24
CA GLY D 33 12.57 0.55 -28.69
C GLY D 33 13.48 -0.09 -27.63
N ALA D 34 12.89 -0.91 -26.76
CA ALA D 34 13.67 -1.54 -25.73
C ALA D 34 14.74 -2.43 -26.35
N ILE D 35 14.37 -3.24 -27.34
CA ILE D 35 15.35 -4.13 -27.93
C ILE D 35 16.46 -3.38 -28.64
N ASP D 36 16.06 -2.35 -29.39
CA ASP D 36 17.00 -1.54 -30.10
C ASP D 36 17.98 -0.89 -29.12
N CYS D 37 17.49 -0.38 -28.00
CA CYS D 37 18.35 0.27 -27.05
C CYS D 37 19.38 -0.74 -26.54
N ILE D 38 18.92 -1.93 -26.18
CA ILE D 38 19.83 -2.93 -25.65
C ILE D 38 20.91 -3.29 -26.71
N VAL D 39 20.45 -3.63 -27.90
CA VAL D 39 21.36 -4.12 -28.93
C VAL D 39 22.38 -3.08 -29.35
N ARG D 40 21.97 -1.84 -29.56
CA ARG D 40 22.92 -0.83 -30.04
C ARG D 40 23.78 -0.28 -28.91
N HIS D 41 23.45 -0.63 -27.67
CA HIS D 41 24.36 -0.35 -26.56
C HIS D 41 25.34 -1.52 -26.31
N GLY D 42 25.32 -2.54 -27.17
CA GLY D 42 26.26 -3.67 -27.07
C GLY D 42 25.72 -4.96 -26.46
N GLY D 43 24.46 -4.96 -26.01
CA GLY D 43 23.88 -6.17 -25.46
C GLY D 43 23.53 -7.12 -26.60
N ARG D 44 23.58 -8.43 -26.38
CA ARG D 44 23.24 -9.34 -27.45
C ARG D 44 21.76 -9.64 -27.39
N GLU D 45 21.14 -9.77 -28.55
CA GLU D 45 19.71 -10.03 -28.60
C GLU D 45 19.45 -11.42 -28.05
N GLU D 46 20.45 -12.30 -28.16
CA GLU D 46 20.27 -13.63 -27.60
C GLU D 46 20.19 -13.64 -26.09
N ASP D 47 20.68 -12.57 -25.47
CA ASP D 47 20.65 -12.48 -24.04
C ASP D 47 19.40 -11.76 -23.54
N ILE D 48 18.44 -11.52 -24.43
CA ILE D 48 17.18 -10.94 -24.04
C ILE D 48 16.13 -12.06 -23.93
N THR D 49 15.36 -12.04 -22.86
CA THR D 49 14.23 -12.94 -22.74
C THR D 49 12.94 -12.10 -22.75
N LEU D 50 12.04 -12.37 -23.69
CA LEU D 50 10.79 -11.63 -23.80
C LEU D 50 9.64 -12.49 -23.36
N VAL D 51 8.85 -11.96 -22.41
CA VAL D 51 7.69 -12.64 -21.92
C VAL D 51 6.49 -11.78 -22.25
N ARG D 52 5.51 -12.40 -22.87
CA ARG D 52 4.27 -11.69 -23.25
C ARG D 52 3.13 -12.12 -22.30
N VAL D 53 2.35 -11.15 -21.89
CA VAL D 53 1.20 -11.38 -21.03
C VAL D 53 -0.01 -10.59 -21.57
N PRO D 54 -1.21 -10.92 -21.12
CA PRO D 54 -2.41 -10.25 -21.64
C PRO D 54 -2.48 -8.74 -21.43
N GLY D 55 -2.34 -8.30 -20.18
CA GLY D 55 -2.53 -6.90 -19.86
C GLY D 55 -1.58 -6.47 -18.80
N SER D 56 -1.58 -5.17 -18.54
CA SER D 56 -0.68 -4.62 -17.54
C SER D 56 -0.92 -5.31 -16.21
N TRP D 57 -2.14 -5.73 -15.92
CA TRP D 57 -2.42 -6.41 -14.63
C TRP D 57 -1.51 -7.60 -14.39
N GLU D 58 -1.19 -8.30 -15.49
CA GLU D 58 -0.45 -9.54 -15.44
C GLU D 58 1.09 -9.37 -15.50
N ILE D 59 1.54 -8.14 -15.71
CA ILE D 59 2.97 -7.90 -15.83
C ILE D 59 3.71 -8.28 -14.56
N PRO D 60 3.23 -7.88 -13.36
CA PRO D 60 3.98 -8.17 -12.13
C PRO D 60 4.28 -9.66 -11.89
N VAL D 61 3.29 -10.52 -11.95
CA VAL D 61 3.51 -11.94 -11.66
C VAL D 61 4.52 -12.55 -12.64
N ALA D 62 4.48 -12.15 -13.92
CA ALA D 62 5.49 -12.63 -14.86
C ALA D 62 6.88 -12.04 -14.57
N ALA D 63 6.93 -10.74 -14.24
CA ALA D 63 8.18 -10.12 -13.90
C ALA D 63 8.86 -10.79 -12.69
N GLY D 64 8.03 -11.22 -11.74
CA GLY D 64 8.48 -11.91 -10.56
C GLY D 64 9.21 -13.19 -10.93
N GLU D 65 8.72 -13.91 -11.93
CA GLU D 65 9.38 -15.14 -12.32
C GLU D 65 10.68 -14.81 -13.03
N LEU D 66 10.69 -13.79 -13.87
CA LEU D 66 11.91 -13.45 -14.55
C LEU D 66 12.96 -12.92 -13.64
N ALA D 67 12.59 -12.00 -12.75
CA ALA D 67 13.53 -11.39 -11.88
C ALA D 67 14.18 -12.43 -10.94
N ARG D 68 13.51 -13.54 -10.70
CA ARG D 68 14.07 -14.58 -9.83
C ARG D 68 15.14 -15.36 -10.54
N LYS D 69 15.25 -15.24 -11.85
CA LYS D 69 16.27 -16.01 -12.55
C LYS D 69 17.66 -15.42 -12.29
N GLU D 70 18.58 -16.28 -11.90
CA GLU D 70 19.94 -15.80 -11.58
C GLU D 70 20.67 -15.26 -12.82
N ASP D 71 20.29 -15.73 -13.99
CA ASP D 71 20.92 -15.29 -15.20
C ASP D 71 20.19 -14.11 -15.89
N ILE D 72 19.34 -13.40 -15.13
CA ILE D 72 18.71 -12.17 -15.64
C ILE D 72 19.22 -11.05 -14.77
N ASP D 73 19.84 -10.04 -15.37
CA ASP D 73 20.44 -8.95 -14.58
C ASP D 73 19.48 -7.83 -14.20
N ALA D 74 18.45 -7.63 -15.05
CA ALA D 74 17.45 -6.62 -14.79
C ALA D 74 16.22 -6.97 -15.64
N VAL D 75 15.07 -6.50 -15.17
CA VAL D 75 13.82 -6.71 -15.87
C VAL D 75 13.22 -5.36 -16.28
N ILE D 76 12.72 -5.31 -17.51
CA ILE D 76 12.09 -4.12 -18.05
C ILE D 76 10.59 -4.40 -18.25
N ALA D 77 9.75 -3.62 -17.60
CA ALA D 77 8.31 -3.77 -17.69
C ALA D 77 7.74 -2.82 -18.72
N ILE D 78 7.01 -3.36 -19.67
CA ILE D 78 6.47 -2.59 -20.78
C ILE D 78 4.99 -2.84 -20.96
N GLY D 79 4.19 -1.79 -20.94
CA GLY D 79 2.77 -1.90 -21.16
C GLY D 79 2.15 -0.54 -21.47
N VAL D 80 0.91 -0.54 -21.91
CA VAL D 80 0.23 0.70 -22.18
C VAL D 80 -1.18 0.71 -21.58
N LEU D 81 -1.34 1.66 -20.67
CA LEU D 81 -2.63 1.91 -20.04
C LEU D 81 -3.13 3.28 -20.50
N ILE D 82 -4.36 3.26 -20.95
CA ILE D 82 -5.07 4.44 -21.37
C ILE D 82 -6.38 4.52 -20.62
N ARG D 83 -6.69 5.66 -20.05
CA ARG D 83 -7.88 5.79 -19.20
C ARG D 83 -9.14 5.56 -20.03
N GLY D 84 -10.03 4.73 -19.50
CA GLY D 84 -11.34 4.52 -20.08
C GLY D 84 -12.32 5.43 -19.34
N ALA D 85 -13.59 5.08 -19.36
CA ALA D 85 -14.65 5.85 -18.69
C ALA D 85 -14.72 5.62 -17.16
N THR D 86 -14.23 4.48 -16.70
CA THR D 86 -14.31 4.14 -15.29
C THR D 86 -12.95 4.18 -14.63
N PRO D 87 -12.89 4.06 -13.32
CA PRO D 87 -11.63 3.99 -12.59
C PRO D 87 -10.86 2.70 -12.75
N HIS D 88 -11.32 1.81 -13.64
CA HIS D 88 -10.61 0.58 -13.93
C HIS D 88 -9.11 0.87 -14.11
N PHE D 89 -8.81 1.88 -14.92
CA PHE D 89 -7.42 2.32 -15.17
C PHE D 89 -6.63 2.60 -13.88
N ASP D 90 -7.25 3.30 -12.94
CA ASP D 90 -6.59 3.66 -11.68
C ASP D 90 -6.18 2.44 -10.89
N TYR D 91 -7.09 1.49 -10.75
CA TYR D 91 -6.76 0.31 -9.93
C TYR D 91 -5.69 -0.53 -10.62
N ILE D 92 -5.74 -0.65 -11.95
CA ILE D 92 -4.70 -1.43 -12.62
C ILE D 92 -3.34 -0.68 -12.58
N ALA D 93 -3.34 0.61 -12.91
CA ALA D 93 -2.12 1.37 -12.88
C ALA D 93 -1.49 1.33 -11.49
N SER D 94 -2.32 1.48 -10.46
CA SER D 94 -1.78 1.46 -9.10
C SER D 94 -1.13 0.12 -8.78
N GLU D 95 -1.81 -0.97 -9.14
CA GLU D 95 -1.30 -2.26 -8.74
C GLU D 95 -0.13 -2.68 -9.61
N VAL D 96 -0.06 -2.30 -10.88
CA VAL D 96 1.08 -2.70 -11.67
C VAL D 96 2.34 -2.00 -11.15
N SER D 97 2.24 -0.71 -10.86
CA SER D 97 3.39 0.03 -10.38
C SER D 97 3.79 -0.44 -8.99
N LYS D 98 2.85 -0.65 -8.10
CA LYS D 98 3.19 -1.16 -6.78
C LYS D 98 3.84 -2.54 -6.83
N GLY D 99 3.29 -3.44 -7.63
CA GLY D 99 3.86 -4.79 -7.71
C GLY D 99 5.29 -4.79 -8.22
N LEU D 100 5.52 -4.07 -9.31
CA LEU D 100 6.83 -3.99 -9.85
C LEU D 100 7.82 -3.41 -8.83
N ALA D 101 7.43 -2.34 -8.15
CA ALA D 101 8.34 -1.72 -7.20
C ALA D 101 8.63 -2.65 -6.04
N ASN D 102 7.59 -3.31 -5.54
CA ASN D 102 7.73 -4.26 -4.44
C ASN D 102 8.63 -5.42 -4.82
N LEU D 103 8.44 -5.97 -6.03
CA LEU D 103 9.29 -7.07 -6.47
C LEU D 103 10.74 -6.67 -6.53
N SER D 104 11.00 -5.49 -7.03
CA SER D 104 12.37 -5.06 -7.16
C SER D 104 13.07 -5.05 -5.78
N LEU D 105 12.36 -4.56 -4.77
CA LEU D 105 12.92 -4.48 -3.43
C LEU D 105 13.05 -5.85 -2.82
N GLU D 106 12.03 -6.69 -3.01
CA GLU D 106 12.06 -8.02 -2.42
C GLU D 106 13.17 -8.87 -3.03
N LEU D 107 13.36 -8.76 -4.35
CA LEU D 107 14.33 -9.56 -5.00
C LEU D 107 15.70 -8.86 -5.13
N ARG D 108 15.78 -7.61 -4.65
CA ARG D 108 17.03 -6.90 -4.73
C ARG D 108 17.62 -6.95 -6.15
N LYS D 109 16.77 -6.61 -7.12
CA LYS D 109 17.15 -6.62 -8.52
C LYS D 109 16.42 -5.52 -9.26
N PRO D 110 17.07 -4.80 -10.13
CA PRO D 110 16.40 -3.67 -10.80
C PRO D 110 15.27 -4.14 -11.68
N ILE D 111 14.14 -3.45 -11.57
CA ILE D 111 13.03 -3.70 -12.46
C ILE D 111 12.61 -2.32 -12.91
N THR D 112 12.70 -2.02 -14.21
CA THR D 112 12.45 -0.66 -14.68
C THR D 112 11.03 -0.52 -15.24
N PHE D 113 10.62 0.73 -15.37
CA PHE D 113 9.21 1.06 -15.55
C PHE D 113 8.98 1.73 -16.87
N GLY D 114 8.64 0.91 -17.87
CA GLY D 114 8.31 1.38 -19.19
C GLY D 114 6.82 1.18 -19.44
N VAL D 115 6.01 1.44 -18.43
CA VAL D 115 4.56 1.31 -18.54
C VAL D 115 4.00 2.69 -18.71
N ILE D 116 3.33 2.92 -19.82
CA ILE D 116 2.68 4.22 -20.02
C ILE D 116 1.36 4.23 -19.26
N THR D 117 1.06 5.34 -18.57
CA THR D 117 -0.23 5.50 -17.89
C THR D 117 -0.79 6.83 -18.36
N ALA D 118 -1.53 6.75 -19.44
CA ALA D 118 -1.98 7.93 -20.17
C ALA D 118 -3.46 8.23 -19.95
N ASP D 119 -3.78 9.51 -19.88
CA ASP D 119 -5.22 9.88 -19.81
C ASP D 119 -5.89 9.78 -21.16
N THR D 120 -5.11 9.94 -22.21
CA THR D 120 -5.65 9.92 -23.57
C THR D 120 -4.82 9.08 -24.52
N LEU D 121 -5.47 8.67 -25.60
CA LEU D 121 -4.79 7.90 -26.65
C LEU D 121 -3.65 8.75 -27.24
N GLU D 122 -3.91 10.04 -27.43
CA GLU D 122 -2.89 10.90 -27.96
C GLU D 122 -1.62 10.89 -27.14
N GLN D 123 -1.79 10.99 -25.84
CA GLN D 123 -0.67 10.94 -24.93
C GLN D 123 0.12 9.63 -24.99
N ALA D 124 -0.61 8.54 -25.17
CA ALA D 124 0.03 7.24 -25.31
C ALA D 124 0.84 7.22 -26.59
N ILE D 125 0.26 7.68 -27.71
CA ILE D 125 1.00 7.71 -28.98
C ILE D 125 2.26 8.54 -28.87
N GLU D 126 2.16 9.71 -28.23
CA GLU D 126 3.29 10.61 -28.03
C GLU D 126 4.50 9.88 -27.39
N ARG D 127 4.19 8.95 -26.48
CA ARG D 127 5.20 8.30 -25.67
C ARG D 127 5.63 6.94 -26.17
N ALA D 128 5.06 6.53 -27.31
CA ALA D 128 5.35 5.22 -27.87
C ALA D 128 6.05 5.35 -29.22
N GLY D 129 7.09 6.15 -29.24
CA GLY D 129 7.82 6.33 -30.46
C GLY D 129 7.51 7.57 -31.30
N THR D 130 6.85 8.58 -30.70
CA THR D 130 6.68 9.83 -31.40
C THR D 130 7.30 10.98 -30.62
N LYS D 131 6.59 12.09 -30.48
CA LYS D 131 7.21 13.34 -30.03
C LYS D 131 7.74 13.34 -28.59
N HIS D 132 7.16 12.51 -27.73
CA HIS D 132 7.67 12.38 -26.39
C HIS D 132 8.52 11.12 -26.16
N GLY D 133 9.13 10.62 -27.23
CA GLY D 133 10.06 9.51 -27.14
C GLY D 133 9.39 8.15 -27.08
N ASN D 134 10.17 7.17 -26.59
CA ASN D 134 9.74 5.81 -26.56
C ASN D 134 10.06 5.29 -25.15
N LYS D 135 9.01 5.05 -24.36
CA LYS D 135 9.20 4.65 -22.98
C LYS D 135 9.86 3.27 -22.86
N GLY D 136 9.78 2.46 -23.90
CA GLY D 136 10.46 1.17 -23.88
C GLY D 136 11.97 1.39 -23.94
N TRP D 137 12.38 2.25 -24.85
CA TRP D 137 13.78 2.61 -25.01
C TRP D 137 14.30 3.19 -23.70
N GLU D 138 13.52 4.08 -23.10
CA GLU D 138 13.91 4.70 -21.84
C GLU D 138 14.09 3.70 -20.70
N ALA D 139 13.13 2.82 -20.56
CA ALA D 139 13.19 1.85 -19.50
C ALA D 139 14.33 0.85 -19.74
N ALA D 140 14.62 0.56 -20.99
CA ALA D 140 15.75 -0.29 -21.28
C ALA D 140 17.06 0.42 -20.92
N LEU D 141 17.18 1.70 -21.26
CA LEU D 141 18.40 2.40 -20.92
C LEU D 141 18.61 2.43 -19.41
N SER D 142 17.53 2.59 -18.66
CA SER D 142 17.62 2.58 -17.20
C SER D 142 18.09 1.20 -16.70
N ALA D 143 17.58 0.15 -17.32
CA ALA D 143 17.94 -1.19 -16.89
C ALA D 143 19.41 -1.50 -17.18
N ILE D 144 19.93 -0.98 -18.30
CA ILE D 144 21.34 -1.11 -18.62
C ILE D 144 22.16 -0.48 -17.49
N GLU D 145 21.80 0.76 -17.16
CA GLU D 145 22.52 1.52 -16.13
C GLU D 145 22.45 0.81 -14.81
N MET D 146 21.27 0.34 -14.44
CA MET D 146 21.09 -0.28 -13.14
C MET D 146 21.82 -1.63 -13.01
N ALA D 147 21.78 -2.43 -14.06
CA ALA D 147 22.50 -3.72 -14.07
C ALA D 147 24.00 -3.47 -13.93
N ASN D 148 24.52 -2.47 -14.63
CA ASN D 148 25.91 -2.14 -14.46
C ASN D 148 26.24 -1.66 -13.06
N LEU D 149 25.35 -0.83 -12.49
CA LEU D 149 25.54 -0.30 -11.16
C LEU D 149 25.57 -1.43 -10.19
N PHE D 150 24.65 -2.37 -10.39
CA PHE D 150 24.55 -3.48 -9.48
C PHE D 150 25.74 -4.46 -9.50
N LYS D 151 26.50 -4.47 -10.57
CA LYS D 151 27.70 -5.31 -10.59
C LYS D 151 28.59 -4.91 -9.40
N SER D 152 28.67 -3.60 -9.02
CA SER D 152 29.48 -3.25 -7.83
C SER D 152 28.66 -3.03 -6.57
N LEU D 153 27.43 -2.58 -6.73
CA LEU D 153 26.61 -2.28 -5.57
C LEU D 153 25.98 -3.47 -4.85
N ARG D 154 25.60 -4.50 -5.59
CA ARG D 154 24.82 -5.63 -5.04
C ARG D 154 25.69 -6.71 -4.42
N MET E 1 16.88 -14.52 -29.30
CA MET E 1 16.05 -14.10 -28.18
C MET E 1 15.16 -15.22 -27.62
N GLN E 2 15.12 -15.40 -26.32
CA GLN E 2 14.15 -16.36 -25.76
C GLN E 2 12.77 -15.70 -25.63
N ILE E 3 11.73 -16.33 -26.15
CA ILE E 3 10.38 -15.79 -26.10
C ILE E 3 9.43 -16.76 -25.44
N TYR E 4 8.72 -16.27 -24.43
CA TYR E 4 7.76 -17.08 -23.74
C TYR E 4 6.39 -16.44 -23.91
N GLU E 5 5.42 -17.27 -24.24
CA GLU E 5 4.07 -16.80 -24.31
C GLU E 5 3.09 -17.93 -24.07
N GLY E 6 1.85 -17.58 -23.79
CA GLY E 6 0.82 -18.56 -23.59
C GLY E 6 -0.16 -18.57 -24.75
N LYS E 7 -0.48 -19.78 -25.21
CA LYS E 7 -1.50 -20.00 -26.20
C LYS E 7 -2.85 -19.91 -25.53
N LEU E 8 -3.92 -20.00 -26.34
CA LEU E 8 -5.27 -19.79 -25.83
C LEU E 8 -6.14 -21.05 -25.82
N THR E 9 -5.56 -22.23 -25.99
CA THR E 9 -6.29 -23.50 -25.91
C THR E 9 -6.18 -23.93 -24.46
N ALA E 10 -7.29 -24.34 -23.88
CA ALA E 10 -7.32 -24.60 -22.45
C ALA E 10 -7.41 -26.04 -22.09
N GLU E 11 -7.02 -26.91 -23.00
CA GLU E 11 -7.08 -28.34 -22.72
C GLU E 11 -6.28 -28.68 -21.46
N GLY E 12 -6.90 -29.36 -20.52
CA GLY E 12 -6.19 -29.81 -19.31
C GLY E 12 -6.02 -28.76 -18.24
N LEU E 13 -6.43 -27.53 -18.50
CA LEU E 13 -6.25 -26.48 -17.51
C LEU E 13 -7.37 -26.50 -16.48
N ARG E 14 -7.04 -26.13 -15.26
CA ARG E 14 -7.98 -26.13 -14.15
C ARG E 14 -8.07 -24.74 -13.55
N PHE E 15 -9.28 -24.19 -13.47
CA PHE E 15 -9.47 -22.83 -12.98
C PHE E 15 -10.33 -22.69 -11.74
N GLY E 16 -9.96 -21.69 -10.94
CA GLY E 16 -10.73 -21.25 -9.81
C GLY E 16 -11.38 -19.93 -10.20
N ILE E 17 -12.67 -19.79 -9.95
CA ILE E 17 -13.37 -18.54 -10.14
C ILE E 17 -13.93 -18.14 -8.82
N VAL E 18 -13.67 -16.91 -8.38
CA VAL E 18 -14.27 -16.39 -7.15
C VAL E 18 -15.19 -15.27 -7.55
N ALA E 19 -16.48 -15.44 -7.28
CA ALA E 19 -17.48 -14.50 -7.68
C ALA E 19 -18.33 -14.00 -6.52
N SER E 20 -18.43 -12.68 -6.41
CA SER E 20 -19.23 -12.06 -5.36
C SER E 20 -20.71 -11.97 -5.75
N ARG E 21 -21.56 -11.89 -4.72
CA ARG E 21 -23.02 -11.86 -4.90
C ARG E 21 -23.59 -10.44 -4.98
N PHE E 22 -22.89 -9.47 -4.44
CA PHE E 22 -23.37 -8.08 -4.55
C PHE E 22 -23.47 -7.74 -6.04
N ASN E 23 -24.57 -7.13 -6.44
CA ASN E 23 -24.84 -6.81 -7.81
C ASN E 23 -24.88 -8.05 -8.66
N HIS E 24 -25.50 -9.11 -8.12
CA HIS E 24 -25.49 -10.40 -8.80
C HIS E 24 -26.13 -10.38 -10.18
N ALA E 25 -27.08 -9.47 -10.41
CA ALA E 25 -27.74 -9.48 -11.71
C ALA E 25 -26.70 -9.21 -12.78
N LEU E 26 -25.63 -8.52 -12.45
CA LEU E 26 -24.53 -8.30 -13.38
C LEU E 26 -23.40 -9.34 -13.20
N VAL E 27 -23.02 -9.60 -11.97
CA VAL E 27 -21.97 -10.58 -11.72
C VAL E 27 -22.33 -11.92 -12.40
N ASP E 28 -23.59 -12.32 -12.28
CA ASP E 28 -24.00 -13.56 -12.89
C ASP E 28 -23.71 -13.64 -14.40
N ARG E 29 -23.77 -12.51 -15.09
CA ARG E 29 -23.43 -12.47 -16.52
C ARG E 29 -21.91 -12.66 -16.70
N LEU E 30 -21.13 -12.07 -15.80
CA LEU E 30 -19.68 -12.21 -15.81
C LEU E 30 -19.31 -13.68 -15.61
N VAL E 31 -19.99 -14.38 -14.69
CA VAL E 31 -19.68 -15.80 -14.46
C VAL E 31 -20.03 -16.63 -15.70
N GLU E 32 -21.15 -16.32 -16.34
CA GLU E 32 -21.52 -17.02 -17.57
C GLU E 32 -20.41 -16.83 -18.61
N GLY E 33 -19.90 -15.61 -18.72
CA GLY E 33 -18.88 -15.35 -19.75
C GLY E 33 -17.60 -16.08 -19.44
N ALA E 34 -17.21 -16.08 -18.16
CA ALA E 34 -16.00 -16.76 -17.80
C ALA E 34 -16.07 -18.26 -18.11
N ILE E 35 -17.16 -18.88 -17.73
CA ILE E 35 -17.29 -20.31 -17.96
C ILE E 35 -17.34 -20.64 -19.44
N ASP E 36 -18.08 -19.81 -20.19
CA ASP E 36 -18.16 -20.03 -21.62
C ASP E 36 -16.77 -19.93 -22.28
N CYS E 37 -16.00 -18.90 -21.89
CA CYS E 37 -14.70 -18.71 -22.44
C CYS E 37 -13.84 -19.98 -22.18
N ILE E 38 -13.86 -20.45 -20.95
CA ILE E 38 -13.07 -21.61 -20.62
C ILE E 38 -13.49 -22.81 -21.45
N VAL E 39 -14.78 -23.08 -21.46
CA VAL E 39 -15.27 -24.30 -22.09
C VAL E 39 -15.06 -24.31 -23.59
N ARG E 40 -15.35 -23.21 -24.27
CA ARG E 40 -15.21 -23.22 -25.71
C ARG E 40 -13.78 -23.06 -26.15
N HIS E 41 -12.88 -22.75 -25.22
CA HIS E 41 -11.44 -22.81 -25.53
C HIS E 41 -10.84 -24.20 -25.21
N GLY E 42 -11.71 -25.14 -24.85
CA GLY E 42 -11.25 -26.55 -24.65
C GLY E 42 -11.10 -27.00 -23.20
N GLY E 43 -11.35 -26.11 -22.23
CA GLY E 43 -11.24 -26.50 -20.84
C GLY E 43 -12.48 -27.29 -20.43
N ARG E 44 -12.36 -28.19 -19.46
CA ARG E 44 -13.55 -28.92 -19.03
C ARG E 44 -14.22 -28.18 -17.92
N GLU E 45 -15.54 -28.21 -17.90
CA GLU E 45 -16.28 -27.53 -16.89
C GLU E 45 -16.03 -28.22 -15.57
N GLU E 46 -15.74 -29.52 -15.65
CA GLU E 46 -15.48 -30.23 -14.42
C GLU E 46 -14.22 -29.78 -13.76
N ASP E 47 -13.35 -29.14 -14.54
CA ASP E 47 -12.09 -28.64 -14.03
C ASP E 47 -12.21 -27.21 -13.50
N ILE E 48 -13.43 -26.70 -13.41
CA ILE E 48 -13.63 -25.35 -12.85
C ILE E 48 -14.14 -25.47 -11.45
N THR E 49 -13.56 -24.72 -10.54
CA THR E 49 -14.06 -24.59 -9.16
C THR E 49 -14.57 -23.16 -8.97
N LEU E 50 -15.86 -23.02 -8.69
CA LEU E 50 -16.50 -21.75 -8.43
C LEU E 50 -16.73 -21.57 -6.94
N VAL E 51 -16.27 -20.44 -6.42
CA VAL E 51 -16.50 -20.07 -5.04
C VAL E 51 -17.28 -18.80 -5.00
N ARG E 52 -18.41 -18.80 -4.28
CA ARG E 52 -19.21 -17.60 -4.15
C ARG E 52 -18.94 -16.93 -2.81
N VAL E 53 -18.91 -15.62 -2.80
CA VAL E 53 -18.71 -14.84 -1.59
C VAL E 53 -19.69 -13.63 -1.61
N PRO E 54 -19.95 -13.03 -0.46
CA PRO E 54 -20.93 -11.93 -0.37
C PRO E 54 -20.62 -10.73 -1.25
N GLY E 55 -19.43 -10.17 -1.11
CA GLY E 55 -19.10 -8.96 -1.86
C GLY E 55 -17.68 -8.89 -2.32
N SER E 56 -17.34 -7.84 -3.07
CA SER E 56 -15.99 -7.75 -3.61
C SER E 56 -14.95 -7.76 -2.47
N TRP E 57 -15.33 -7.19 -1.32
CA TRP E 57 -14.43 -7.14 -0.15
C TRP E 57 -13.91 -8.55 0.25
N GLU E 58 -14.78 -9.54 0.11
CA GLU E 58 -14.47 -10.92 0.46
C GLU E 58 -13.80 -11.79 -0.64
N ILE E 59 -13.65 -11.21 -1.81
CA ILE E 59 -13.03 -11.96 -2.89
C ILE E 59 -11.60 -12.38 -2.58
N PRO E 60 -10.73 -11.45 -2.11
CA PRO E 60 -9.32 -11.81 -1.88
C PRO E 60 -9.12 -13.01 -0.94
N VAL E 61 -9.74 -13.01 0.23
CA VAL E 61 -9.53 -14.12 1.17
C VAL E 61 -9.93 -15.45 0.58
N ALA E 62 -11.02 -15.50 -0.19
CA ALA E 62 -11.39 -16.75 -0.84
C ALA E 62 -10.42 -17.10 -1.99
N ALA E 63 -10.02 -16.09 -2.75
CA ALA E 63 -9.06 -16.33 -3.82
C ALA E 63 -7.73 -16.89 -3.28
N GLY E 64 -7.34 -16.41 -2.11
CA GLY E 64 -6.14 -16.87 -1.44
C GLY E 64 -6.20 -18.37 -1.15
N GLU E 65 -7.37 -18.86 -0.74
CA GLU E 65 -7.51 -20.31 -0.50
C GLU E 65 -7.48 -21.12 -1.80
N LEU E 66 -8.08 -20.59 -2.86
CA LEU E 66 -8.08 -21.30 -4.12
C LEU E 66 -6.75 -21.33 -4.76
N ALA E 67 -6.08 -20.19 -4.77
CA ALA E 67 -4.81 -20.08 -5.43
C ALA E 67 -3.74 -20.95 -4.75
N ARG E 68 -3.93 -21.26 -3.47
CA ARG E 68 -3.01 -22.16 -2.77
C ARG E 68 -3.22 -23.61 -3.17
N LYS E 69 -4.32 -23.95 -3.84
CA LYS E 69 -4.49 -25.34 -4.25
C LYS E 69 -3.53 -25.70 -5.39
N GLU E 70 -2.81 -26.79 -5.23
CA GLU E 70 -1.85 -27.24 -6.25
C GLU E 70 -2.51 -27.63 -7.56
N ASP E 71 -3.76 -28.06 -7.51
CA ASP E 71 -4.47 -28.45 -8.68
C ASP E 71 -5.34 -27.31 -9.28
N ILE E 72 -5.06 -26.06 -8.90
CA ILE E 72 -5.66 -24.91 -9.56
C ILE E 72 -4.58 -24.20 -10.33
N ASP E 73 -4.74 -24.00 -11.64
CA ASP E 73 -3.67 -23.35 -12.42
C ASP E 73 -3.69 -21.83 -12.43
N ALA E 74 -4.89 -21.26 -12.29
CA ALA E 74 -5.08 -19.82 -12.24
C ALA E 74 -6.41 -19.54 -11.60
N VAL E 75 -6.51 -18.37 -11.01
CA VAL E 75 -7.76 -17.93 -10.41
C VAL E 75 -8.29 -16.70 -11.15
N ILE E 76 -9.61 -16.68 -11.37
CA ILE E 76 -10.29 -15.57 -12.00
C ILE E 76 -11.18 -14.91 -10.93
N ALA E 77 -10.95 -13.63 -10.70
CA ALA E 77 -11.71 -12.85 -9.75
C ALA E 77 -12.80 -12.08 -10.45
N ILE E 78 -14.05 -12.27 -10.00
CA ILE E 78 -15.20 -11.67 -10.65
C ILE E 78 -16.11 -10.97 -9.64
N GLY E 79 -16.34 -9.68 -9.87
CA GLY E 79 -17.26 -8.91 -9.07
C GLY E 79 -17.67 -7.63 -9.75
N VAL E 80 -18.65 -6.95 -9.13
CA VAL E 80 -19.14 -5.71 -9.68
C VAL E 80 -19.29 -4.67 -8.61
N LEU E 81 -18.49 -3.63 -8.70
CA LEU E 81 -18.55 -2.47 -7.82
C LEU E 81 -19.10 -1.28 -8.59
N ILE E 82 -20.12 -0.66 -8.04
CA ILE E 82 -20.69 0.52 -8.63
C ILE E 82 -20.65 1.64 -7.57
N ARG E 83 -20.19 2.84 -7.89
CA ARG E 83 -20.03 3.90 -6.93
C ARG E 83 -21.40 4.29 -6.37
N GLY E 84 -21.39 4.36 -5.03
CA GLY E 84 -22.56 4.90 -4.33
C GLY E 84 -22.29 6.37 -4.02
N ALA E 85 -22.96 6.91 -3.01
CA ALA E 85 -22.81 8.31 -2.62
C ALA E 85 -21.54 8.61 -1.80
N THR E 86 -21.00 7.60 -1.11
CA THR E 86 -19.85 7.82 -0.26
C THR E 86 -18.64 7.19 -0.85
N PRO E 87 -17.48 7.39 -0.27
CA PRO E 87 -16.22 6.75 -0.73
C PRO E 87 -16.08 5.28 -0.36
N HIS E 88 -17.15 4.69 0.17
CA HIS E 88 -17.20 3.26 0.43
C HIS E 88 -16.61 2.47 -0.77
N PHE E 89 -17.07 2.81 -1.99
CA PHE E 89 -16.59 2.20 -3.23
C PHE E 89 -15.06 2.22 -3.34
N ASP E 90 -14.48 3.39 -3.09
CA ASP E 90 -13.02 3.57 -3.19
C ASP E 90 -12.22 2.66 -2.32
N TYR E 91 -12.60 2.56 -1.05
CA TYR E 91 -11.85 1.70 -0.12
C TYR E 91 -12.01 0.22 -0.50
N ILE E 92 -13.19 -0.20 -0.92
CA ILE E 92 -13.36 -1.59 -1.29
C ILE E 92 -12.62 -1.92 -2.63
N ALA E 93 -12.79 -1.06 -3.64
CA ALA E 93 -12.10 -1.23 -4.91
C ALA E 93 -10.60 -1.25 -4.69
N SER E 94 -10.09 -0.36 -3.86
CA SER E 94 -8.67 -0.31 -3.61
C SER E 94 -8.18 -1.59 -2.99
N GLU E 95 -8.88 -2.06 -1.97
CA GLU E 95 -8.42 -3.24 -1.27
C GLU E 95 -8.65 -4.51 -2.03
N VAL E 96 -9.69 -4.64 -2.84
CA VAL E 96 -9.86 -5.86 -3.59
C VAL E 96 -8.75 -6.01 -4.63
N SER E 97 -8.46 -4.93 -5.34
CA SER E 97 -7.44 -4.96 -6.35
C SER E 97 -6.06 -5.18 -5.72
N LYS E 98 -5.77 -4.52 -4.62
CA LYS E 98 -4.48 -4.72 -3.95
C LYS E 98 -4.31 -6.14 -3.44
N GLY E 99 -5.35 -6.70 -2.81
CA GLY E 99 -5.27 -8.05 -2.28
C GLY E 99 -5.02 -9.08 -3.36
N LEU E 100 -5.79 -8.99 -4.42
CA LEU E 100 -5.62 -9.92 -5.50
C LEU E 100 -4.22 -9.82 -6.08
N ALA E 101 -3.75 -8.59 -6.30
CA ALA E 101 -2.41 -8.45 -6.91
C ALA E 101 -1.32 -9.01 -5.99
N ASN E 102 -1.46 -8.73 -4.69
CA ASN E 102 -0.52 -9.19 -3.70
C ASN E 102 -0.51 -10.72 -3.62
N LEU E 103 -1.69 -11.33 -3.60
CA LEU E 103 -1.75 -12.78 -3.56
C LEU E 103 -1.08 -13.42 -4.77
N SER E 104 -1.28 -12.84 -5.92
CA SER E 104 -0.69 -13.43 -7.10
C SER E 104 0.84 -13.48 -6.98
N LEU E 105 1.42 -12.40 -6.48
CA LEU E 105 2.86 -12.34 -6.35
C LEU E 105 3.34 -13.25 -5.25
N GLU E 106 2.64 -13.23 -4.12
CA GLU E 106 3.01 -14.07 -3.00
C GLU E 106 2.93 -15.53 -3.37
N LEU E 107 1.88 -15.96 -4.03
CA LEU E 107 1.75 -17.36 -4.38
C LEU E 107 2.32 -17.75 -5.73
N ARG E 108 2.86 -16.77 -6.44
CA ARG E 108 3.49 -17.00 -7.72
C ARG E 108 2.55 -17.77 -8.63
N LYS E 109 1.32 -17.27 -8.74
CA LYS E 109 0.29 -17.90 -9.54
C LYS E 109 -0.60 -16.83 -10.13
N PRO E 110 -1.00 -16.99 -11.37
CA PRO E 110 -1.83 -15.94 -12.01
C PRO E 110 -3.17 -15.82 -11.37
N ILE E 111 -3.54 -14.59 -11.05
CA ILE E 111 -4.89 -14.29 -10.58
C ILE E 111 -5.35 -13.12 -11.45
N THR E 112 -6.39 -13.33 -12.24
CA THR E 112 -6.82 -12.30 -13.20
C THR E 112 -8.00 -11.50 -12.64
N PHE E 113 -8.22 -10.37 -13.29
CA PHE E 113 -9.03 -9.31 -12.71
C PHE E 113 -10.22 -9.06 -13.58
N GLY E 114 -11.34 -9.66 -13.17
CA GLY E 114 -12.59 -9.47 -13.84
C GLY E 114 -13.53 -8.75 -12.92
N VAL E 115 -13.01 -7.80 -12.14
CA VAL E 115 -13.85 -7.01 -11.24
C VAL E 115 -14.17 -5.67 -11.90
N ILE E 116 -15.42 -5.37 -12.12
CA ILE E 116 -15.81 -4.08 -12.68
C ILE E 116 -15.79 -3.05 -11.55
N THR E 117 -15.27 -1.85 -11.84
CA THR E 117 -15.24 -0.74 -10.88
C THR E 117 -15.80 0.44 -11.63
N ALA E 118 -17.12 0.56 -11.59
CA ALA E 118 -17.86 1.49 -12.39
C ALA E 118 -18.35 2.67 -11.60
N ASP E 119 -18.33 3.83 -12.23
CA ASP E 119 -18.89 5.03 -11.58
C ASP E 119 -20.41 4.98 -11.65
N THR E 120 -20.95 4.33 -12.66
CA THR E 120 -22.41 4.33 -12.82
C THR E 120 -22.91 2.92 -13.14
N LEU E 121 -24.19 2.70 -12.90
CA LEU E 121 -24.87 1.45 -13.25
C LEU E 121 -24.78 1.21 -14.74
N GLU E 122 -24.96 2.25 -15.55
CA GLU E 122 -24.87 2.07 -16.97
C GLU E 122 -23.52 1.50 -17.40
N GLN E 123 -22.46 2.03 -16.83
CA GLN E 123 -21.12 1.53 -17.16
C GLN E 123 -20.94 0.08 -16.78
N ALA E 124 -21.53 -0.31 -15.63
CA ALA E 124 -21.45 -1.69 -15.22
C ALA E 124 -22.18 -2.61 -16.22
N ILE E 125 -23.37 -2.20 -16.64
CA ILE E 125 -24.14 -2.98 -17.62
C ILE E 125 -23.33 -3.12 -18.89
N GLU E 126 -22.73 -2.02 -19.35
CA GLU E 126 -21.93 -2.01 -20.57
C GLU E 126 -20.86 -3.12 -20.58
N ARG E 127 -20.30 -3.37 -19.40
CA ARG E 127 -19.16 -4.25 -19.25
C ARG E 127 -19.51 -5.64 -18.77
N ALA E 128 -20.80 -5.90 -18.60
CA ALA E 128 -21.26 -7.19 -18.13
C ALA E 128 -22.09 -7.89 -19.21
N GLY E 129 -21.55 -7.97 -20.41
CA GLY E 129 -22.25 -8.65 -21.47
C GLY E 129 -22.99 -7.80 -22.46
N THR E 130 -22.73 -6.48 -22.48
CA THR E 130 -23.28 -5.64 -23.51
C THR E 130 -22.21 -4.98 -24.35
N LYS E 131 -22.37 -3.68 -24.64
CA LYS E 131 -21.56 -3.03 -25.67
C LYS E 131 -20.04 -2.97 -25.39
N HIS E 132 -19.67 -2.98 -24.13
CA HIS E 132 -18.24 -2.98 -23.85
C HIS E 132 -17.75 -4.38 -23.40
N GLY E 133 -18.44 -5.41 -23.88
CA GLY E 133 -18.01 -6.79 -23.66
C GLY E 133 -18.42 -7.38 -22.32
N ASN E 134 -17.68 -8.42 -21.92
CA ASN E 134 -17.94 -9.19 -20.72
C ASN E 134 -16.62 -9.37 -19.99
N LYS E 135 -16.46 -8.69 -18.87
CA LYS E 135 -15.19 -8.69 -18.18
C LYS E 135 -14.89 -10.09 -17.62
N GLY E 136 -15.90 -10.92 -17.39
CA GLY E 136 -15.64 -12.29 -16.95
C GLY E 136 -14.95 -13.11 -18.05
N TRP E 137 -15.49 -12.96 -19.24
CA TRP E 137 -14.94 -13.62 -20.41
C TRP E 137 -13.50 -13.15 -20.59
N GLU E 138 -13.29 -11.85 -20.51
CA GLU E 138 -11.94 -11.30 -20.64
C GLU E 138 -10.96 -11.81 -19.60
N ALA E 139 -11.36 -11.81 -18.34
CA ALA E 139 -10.49 -12.30 -17.28
C ALA E 139 -10.21 -13.80 -17.39
N ALA E 140 -11.19 -14.54 -17.88
CA ALA E 140 -10.96 -15.97 -18.13
C ALA E 140 -9.96 -16.16 -19.24
N LEU E 141 -10.12 -15.41 -20.33
CA LEU E 141 -9.17 -15.54 -21.42
C LEU E 141 -7.76 -15.24 -20.95
N SER E 142 -7.63 -14.23 -20.11
CA SER E 142 -6.30 -13.89 -19.58
C SER E 142 -5.75 -15.05 -18.73
N ALA E 143 -6.60 -15.68 -17.96
CA ALA E 143 -6.20 -16.77 -17.10
C ALA E 143 -5.76 -17.98 -17.90
N ILE E 144 -6.42 -18.22 -19.01
CA ILE E 144 -6.02 -19.29 -19.93
C ILE E 144 -4.60 -19.04 -20.41
N GLU E 145 -4.36 -17.83 -20.88
CA GLU E 145 -3.07 -17.48 -21.43
C GLU E 145 -1.97 -17.59 -20.36
N MET E 146 -2.26 -17.08 -19.17
CA MET E 146 -1.31 -17.07 -18.11
C MET E 146 -0.96 -18.47 -17.59
N ALA E 147 -1.98 -19.31 -17.47
CA ALA E 147 -1.76 -20.68 -17.05
C ALA E 147 -0.88 -21.41 -18.06
N ASN E 148 -1.16 -21.23 -19.35
CA ASN E 148 -0.31 -21.82 -20.36
C ASN E 148 1.14 -21.26 -20.29
N LEU E 149 1.26 -19.95 -20.14
CA LEU E 149 2.54 -19.32 -20.03
C LEU E 149 3.30 -19.89 -18.88
N PHE E 150 2.61 -20.05 -17.74
CA PHE E 150 3.25 -20.54 -16.56
C PHE E 150 3.74 -21.99 -16.63
N LYS E 151 3.16 -22.79 -17.52
CA LYS E 151 3.66 -24.14 -17.74
C LYS E 151 5.17 -24.12 -18.06
N SER E 152 5.63 -23.07 -18.81
CA SER E 152 7.08 -23.01 -19.08
C SER E 152 7.80 -21.99 -18.19
N LEU E 153 7.12 -20.93 -17.83
CA LEU E 153 7.75 -19.88 -17.08
C LEU E 153 7.99 -20.15 -15.59
N ARG E 154 7.07 -20.87 -14.94
CA ARG E 154 7.08 -21.07 -13.50
C ARG E 154 7.97 -22.24 -13.05
P PO4 F . -11.10 16.85 11.12
O1 PO4 F . -11.74 15.49 11.14
O2 PO4 F . -10.57 17.00 9.74
O3 PO4 F . -9.96 16.97 12.06
O4 PO4 F . -12.08 17.89 11.28
N1 LMZ G . -12.34 7.86 14.38
C2 LMZ G . -13.42 7.32 13.86
N3 LMZ G . -14.23 8.09 13.12
C4 LMZ G . -14.02 9.38 12.82
C5 LMZ G . -12.94 9.99 13.31
C6 LMZ G . -12.08 9.23 14.25
N7 LMZ G . -10.84 9.73 14.73
C8 LMZ G . -10.32 8.98 15.88
C9 LMZ G . -9.21 8.07 15.33
O9 LMZ G . -9.79 6.90 14.75
C10 LMZ G . -8.18 7.67 16.40
O10 LMZ G . -8.85 7.12 17.54
C11 LMZ G . -7.29 8.83 16.88
O11 LMZ G . -6.59 9.37 15.75
C12 LMZ G . -6.21 8.39 17.92
O12 LMZ G . -5.41 7.35 17.42
N5 LMZ G . -12.71 11.29 13.09
O52 LMZ G . -11.59 11.74 13.42
O4 LMZ G . -14.82 9.99 12.10
O2 LMZ G . -13.74 6.16 14.03
P PO4 H . 5.77 22.31 -0.05
O1 PO4 H . 5.36 21.72 1.26
O2 PO4 H . 4.83 21.67 -0.97
O3 PO4 H . 7.11 21.89 -0.48
O4 PO4 H . 5.50 23.75 -0.10
N1 LMZ I . 7.26 17.42 8.11
C2 LMZ I . 6.23 17.57 8.94
N3 LMZ I . 5.25 18.42 8.62
C4 LMZ I . 5.20 19.15 7.50
C5 LMZ I . 6.19 19.05 6.60
C6 LMZ I . 7.39 18.21 6.97
N7 LMZ I . 8.41 17.88 6.03
C8 LMZ I . 9.67 17.37 6.65
C9 LMZ I . 9.63 15.87 6.41
O9 LMZ I . 8.75 15.22 7.36
C10 LMZ I . 11.04 15.23 6.52
O10 LMZ I . 11.62 15.61 7.77
C11 LMZ I . 11.98 15.64 5.37
O11 LMZ I . 11.34 15.31 4.13
C12 LMZ I . 13.35 14.93 5.43
O12 LMZ I . 13.22 13.51 5.46
N5 LMZ I . 6.21 19.79 5.48
O52 LMZ I . 7.10 19.57 4.61
O4 LMZ I . 4.25 19.92 7.29
O2 LMZ I . 6.16 16.96 10.02
P PO4 J . 4.60 12.60 -18.62
O1 PO4 J . 5.47 12.88 -17.48
O2 PO4 J . 3.23 12.51 -18.00
O3 PO4 J . 4.86 11.36 -19.37
O4 PO4 J . 4.55 13.74 -19.48
N1 LMZ K . 12.01 10.39 -12.94
C2 LMZ K . 12.22 11.39 -12.08
N3 LMZ K . 11.55 12.54 -12.20
C4 LMZ K . 10.59 12.78 -13.10
C5 LMZ K . 10.31 11.82 -14.00
C6 LMZ K . 11.15 10.59 -14.02
N7 LMZ K . 10.82 9.46 -14.84
C8 LMZ K . 11.95 8.50 -14.95
C9 LMZ K . 11.60 7.32 -14.04
O9 LMZ K . 11.88 7.64 -12.65
C10 LMZ K . 12.28 5.99 -14.42
O10 LMZ K . 13.70 6.25 -14.51
C11 LMZ K . 11.75 5.40 -15.75
O11 LMZ K . 10.34 5.18 -15.58
C12 LMZ K . 12.39 4.03 -16.10
O12 LMZ K . 12.23 3.11 -15.04
N5 LMZ K . 9.43 12.07 -14.98
O52 LMZ K . 9.03 11.13 -15.69
O4 LMZ K . 9.97 13.84 -13.12
O2 LMZ K . 13.05 11.26 -11.20
P PO4 L . -12.92 1.18 -18.95
O1 PO4 L . -11.46 1.09 -19.19
O2 PO4 L . -13.08 2.12 -17.83
O3 PO4 L . -13.56 -0.10 -18.62
O4 PO4 L . -13.61 1.75 -20.10
N1 LMZ M . -4.58 -3.52 -19.66
C2 LMZ M . -3.63 -2.72 -20.14
N3 LMZ M . -3.98 -1.51 -20.55
C4 LMZ M . -5.21 -0.97 -20.50
C5 LMZ M . -6.21 -1.72 -20.04
C6 LMZ M . -5.92 -3.13 -19.69
N7 LMZ M . -6.90 -4.02 -19.12
C8 LMZ M . -6.56 -5.44 -19.18
C9 LMZ M . -6.02 -5.79 -17.78
O9 LMZ M . -4.65 -5.40 -17.68
C10 LMZ M . -6.14 -7.27 -17.40
O10 LMZ M . -5.59 -8.00 -18.49
C11 LMZ M . -7.61 -7.77 -17.26
O11 LMZ M . -8.17 -7.00 -16.22
C12 LMZ M . -7.71 -9.27 -16.90
O12 LMZ M . -6.93 -9.58 -15.75
N5 LMZ M . -7.44 -1.21 -20.05
O52 LMZ M . -8.35 -1.86 -19.53
O4 LMZ M . -5.44 0.18 -20.88
O2 LMZ M . -2.47 -3.09 -20.23
P PO4 N . -22.67 3.82 -0.56
O1 PO4 N . -22.04 2.77 -1.42
O2 PO4 N . -21.67 4.92 -0.62
O3 PO4 N . -22.72 3.35 0.82
O4 PO4 N . -23.95 4.30 -1.06
N1 LMZ O . -19.65 -5.17 -2.85
C2 LMZ O . -19.55 -5.23 -4.16
N3 LMZ O . -19.97 -4.21 -4.93
C4 LMZ O . -20.49 -3.03 -4.53
C5 LMZ O . -20.61 -2.84 -3.22
C6 LMZ O . -20.23 -4.01 -2.33
N7 LMZ O . -20.38 -3.82 -0.90
C8 LMZ O . -20.32 -5.07 -0.08
C9 LMZ O . -18.88 -5.28 0.39
O9 LMZ O . -18.07 -5.82 -0.67
C10 LMZ O . -18.80 -6.22 1.61
O10 LMZ O . -19.48 -7.40 1.24
C11 LMZ O . -19.39 -5.63 2.90
O11 LMZ O . -18.65 -4.44 3.17
C12 LMZ O . -19.24 -6.56 4.12
O12 LMZ O . -17.87 -6.94 4.29
N5 LMZ O . -21.19 -1.68 -2.76
O52 LMZ O . -21.12 -1.52 -1.50
O4 LMZ O . -20.80 -2.15 -5.34
O2 LMZ O . -19.12 -6.25 -4.67
#